data_9E7R
#
_entry.id   9E7R
#
_cell.length_a   1.00
_cell.length_b   1.00
_cell.length_c   1.00
_cell.angle_alpha   90.00
_cell.angle_beta   90.00
_cell.angle_gamma   90.00
#
_symmetry.space_group_name_H-M   'P 1'
#
loop_
_entity.id
_entity.type
_entity.pdbx_description
1 polymer 'Guanine nucleotide-binding protein G(I)/G(S)/G(O) subunit gamma-2'
2 polymer 'Proteinase-activated receptor 2'
3 polymer 'Guanine nucleotide-binding protein G(q) subunit alpha chimera'
4 polymer 'Guanine nucleotide-binding protein G(I)/G(S)/G(T) subunit beta-1'
5 polymer scFv16
6 non-polymer "N-[(2S)-3-cyclohexyl-1-{[(2S,3S)-3-methyl-1-oxo-1-(spiro[indene-1,4'-piperidin]-1'-yl)pentan-2-yl]amino}-1-oxopropan-2-yl]-1,2-oxazole-5-carboxamide"
#
loop_
_entity_poly.entity_id
_entity_poly.type
_entity_poly.pdbx_seq_one_letter_code
_entity_poly.pdbx_strand_id
1 'polypeptide(L)' NTASIAQARKLVEQLKMEANIDRIKVSKAAADLMAYCEAHAKEDPLLTPVPASENPFRE G
2 'polypeptide(L)'
;VDEFSASVLTGKLTTVFLPIVYTIVFVVGLPSNGMALWVFLFRTKKKHPAVIYMANLALADLLSVIWFPLKIAYHIHGNN
WIYGEALCNVLIGFFYGNMYCSILFMTCLSVQRYWVIVNPMGHSRKKANIAIGISLAIWLLILLVTIPLYVVKQTIFIPA
LNITTCHDVLPEQLLVGDMFNYFLSLAIGVFLFPAFLTASAYVLMIRMLRSSAMDENSEKKRKRAIKLIVTVLAMYLICF
TPSNLLLVVHYFLIKSQGQSHVYALYIVALCLSTLNSCIDPFVYYFVSHDFRDHAKNALLCRSVRTVKQMQVSLTSKKHS
RKSSSYSSSSTTVKTSY
;
R
3 'polypeptide(L)'
;MGCTLSAEDKAAVERSKMIDRNLREDGEKARRELKLLLLGTGESGKSTFIKQMRIIHGSGYSDEDKRGFTKLVYQNIFTA
MQAMIRAMDTLKIPYKYEHNKAHAQLVREVDVEKVSAFENPYVDAIKSLWNDPGIQECYDRRREYQLSDSTKYYLNDLDR
VADPAYLPTQQDVLRVRVPTTGIIEYPFDLQKVNFHMFDVGGQRSERRKWIQCFNDVTAIIFVVDSSDYNRLQEALNDFK
SIWNNRWLRTISVILFLNKQDLLAEKVLAGKSKIEDYFPEFARYTTPEDATPEPGEDPRVTRAKYFIRKEFVDISTASGD
GRHICYPHFTCAVDTENARRIFNDCKDIILQMNLREYNLV
;
A
4 'polypeptide(L)'
;SELDQLRQEAEQLKNQIRDARKACADATLSQITNNIDPVGRIQMRTRRTLRGHLAKIYAMHWGTDSRLLVSASQDGKLII
WDSYTTNKVHAIPLRSSWVMTCAYAPSGNYVACGGLDNICSIYNLKTREGNVRVSRELAGHTGYLSCCRFLDDNQIVTSS
GDTTCALWDIETGQQTTTFTGHTGDVMSLSLAPDTRLFVSGACDASAKLWDVREGMCRQTFTGHESDINAICFFPNGNAF
ATGSDDATCRLFDLRADQELMTYSHDNIICGITSVSFSKSGRLLLAGYDDFNCNVWDALKADRAGVLAGHDNRVSCLGVT
DDGMAVATGSWDSFLKIWN
;
B
5 'polypeptide(L)'
;DVQLVESGGGLVQPGGSRKLSCSASGFAFSSFGMHWVRQAPEKGLEWVAYISSGSGTIYYADTVKGRFTISRDDPKNTLF
LQMTSLRSEDTAMYYCVRSIYYYGSSPFDFWGQGTTLTVSSGGGGSGGGGSGGGGSDIVMTQATSSVPVTPGESVSISCR
SSKSLLHSNGNTYLYWFLQRPGQSPQLLIYRMSNLASGVPDRFSGSGSGTAFTLTISRLEAEDVGVYYCMQHLEYPLTFG
AGTKLELKAAA
;
E
#
loop_
_chem_comp.id
_chem_comp.type
_chem_comp.name
_chem_comp.formula
A1BF3 non-polymer N-[(2S)-3-cyclohexyl-1-{[(2S,3S)-3-methyl-1-oxo-1-(spiro[indene-1,4'-piperidin]-1'-yl)pentan-2-yl]amino}-1-oxopropan-2-yl]-1,2-oxazole-5-carboxamide 'C32 H42 N4 O4'
#
# COMPACT_ATOMS: atom_id res chain seq x y z
N VAL A 26 -0.41 -46.13 -17.03
CA VAL A 26 0.03 -44.75 -17.20
C VAL A 26 -1.18 -43.85 -17.41
N SER A 27 -2.18 -44.36 -18.13
CA SER A 27 -3.38 -43.59 -18.40
C SER A 27 -4.28 -43.46 -17.18
N LYS A 28 -4.11 -44.33 -16.18
CA LYS A 28 -4.95 -44.33 -14.99
C LYS A 28 -4.45 -43.39 -13.91
N ALA A 29 -3.35 -42.66 -14.15
CA ALA A 29 -2.85 -41.73 -13.13
C ALA A 29 -3.86 -40.63 -12.86
N ALA A 30 -4.49 -40.09 -13.90
CA ALA A 30 -5.49 -39.05 -13.71
C ALA A 30 -6.67 -39.57 -12.90
N ALA A 31 -7.15 -40.77 -13.21
CA ALA A 31 -8.25 -41.34 -12.45
C ALA A 31 -7.84 -41.58 -11.01
N ASP A 32 -6.61 -42.03 -10.79
CA ASP A 32 -6.14 -42.26 -9.42
C ASP A 32 -6.11 -40.95 -8.63
N LEU A 33 -5.61 -39.88 -9.24
CA LEU A 33 -5.59 -38.59 -8.56
C LEU A 33 -7.00 -38.08 -8.30
N MET A 34 -7.92 -38.29 -9.25
CA MET A 34 -9.30 -37.89 -9.04
C MET A 34 -9.92 -38.64 -7.88
N ALA A 35 -9.67 -39.95 -7.80
CA ALA A 35 -10.18 -40.73 -6.67
C ALA A 35 -9.56 -40.26 -5.36
N TYR A 36 -8.27 -39.96 -5.37
CA TYR A 36 -7.61 -39.42 -4.19
C TYR A 36 -8.30 -38.13 -3.72
N CYS A 37 -8.53 -37.20 -4.65
CA CYS A 37 -9.17 -35.94 -4.28
C CYS A 37 -10.58 -36.18 -3.76
N GLU A 38 -11.35 -37.03 -4.43
CA GLU A 38 -12.72 -37.29 -4.01
C GLU A 38 -12.76 -37.91 -2.61
N ALA A 39 -11.88 -38.87 -2.34
CA ALA A 39 -11.83 -39.47 -1.02
C ALA A 39 -11.40 -38.45 0.03
N HIS A 40 -10.44 -37.59 -0.32
CA HIS A 40 -9.97 -36.60 0.65
C HIS A 40 -10.99 -35.48 0.86
N ALA A 41 -11.75 -35.14 -0.19
CA ALA A 41 -12.62 -33.97 -0.11
C ALA A 41 -13.64 -34.08 1.00
N LYS A 42 -14.06 -35.30 1.34
CA LYS A 42 -15.07 -35.47 2.38
C LYS A 42 -14.60 -34.97 3.74
N GLU A 43 -13.30 -34.89 3.96
CA GLU A 43 -12.72 -34.42 5.22
C GLU A 43 -11.69 -33.33 4.95
N ASP A 44 -12.06 -32.37 4.10
CA ASP A 44 -11.18 -31.27 3.74
C ASP A 44 -10.72 -30.51 4.98
N VAL B 1 -49.38 42.82 -11.77
CA VAL B 1 -48.09 42.80 -12.45
C VAL B 1 -48.16 43.61 -13.75
N ASP B 2 -47.00 44.07 -14.21
CA ASP B 2 -46.96 44.93 -15.39
C ASP B 2 -47.33 44.16 -16.65
N GLU B 3 -47.79 44.90 -17.66
CA GLU B 3 -48.20 44.25 -18.90
C GLU B 3 -47.04 43.53 -19.57
N PHE B 4 -45.82 44.06 -19.46
CA PHE B 4 -44.66 43.41 -20.07
C PHE B 4 -44.41 42.05 -19.43
N SER B 5 -44.48 41.97 -18.10
CA SER B 5 -44.24 40.71 -17.42
C SER B 5 -45.22 39.64 -17.85
N ALA B 6 -46.46 40.02 -18.17
CA ALA B 6 -47.44 39.05 -18.64
C ALA B 6 -46.98 38.41 -19.94
N SER B 7 -46.44 39.21 -20.86
CA SER B 7 -45.93 38.65 -22.11
C SER B 7 -44.72 37.75 -21.84
N VAL B 8 -43.86 38.13 -20.92
CA VAL B 8 -42.72 37.29 -20.57
C VAL B 8 -43.20 36.00 -19.91
N LEU B 9 -44.15 36.11 -18.98
CA LEU B 9 -44.63 34.94 -18.25
C LEU B 9 -45.46 34.01 -19.12
N THR B 10 -45.92 34.47 -20.29
CA THR B 10 -46.70 33.65 -21.20
C THR B 10 -46.13 33.59 -22.61
N GLY B 11 -45.03 34.30 -22.89
CA GLY B 11 -44.45 34.32 -24.21
C GLY B 11 -43.63 33.08 -24.50
N LYS B 12 -43.12 33.04 -25.74
CA LYS B 12 -42.32 31.90 -26.17
C LYS B 12 -40.96 31.85 -25.48
N LEU B 13 -40.52 32.95 -24.87
CA LEU B 13 -39.23 32.97 -24.20
C LEU B 13 -39.20 31.94 -23.07
N THR B 14 -40.03 32.14 -22.05
CA THR B 14 -40.06 31.23 -20.91
C THR B 14 -40.91 30.00 -21.17
N THR B 15 -41.85 30.06 -22.12
CA THR B 15 -42.75 28.94 -22.36
C THR B 15 -42.15 27.90 -23.29
N VAL B 16 -41.22 28.29 -24.16
CA VAL B 16 -40.69 27.42 -25.21
C VAL B 16 -39.17 27.30 -25.13
N PHE B 17 -38.46 28.44 -25.11
CA PHE B 17 -37.00 28.38 -25.20
C PHE B 17 -36.40 27.70 -23.99
N LEU B 18 -36.77 28.14 -22.78
CA LEU B 18 -36.18 27.57 -21.57
C LEU B 18 -36.44 26.08 -21.43
N PRO B 19 -37.65 25.56 -21.59
CA PRO B 19 -37.85 24.12 -21.40
C PRO B 19 -36.97 23.26 -22.29
N ILE B 20 -36.65 23.74 -23.50
CA ILE B 20 -35.72 22.99 -24.34
C ILE B 20 -34.32 23.01 -23.74
N VAL B 21 -33.87 24.18 -23.29
CA VAL B 21 -32.51 24.29 -22.75
C VAL B 21 -32.35 23.38 -21.54
N TYR B 22 -33.31 23.44 -20.61
CA TYR B 22 -33.20 22.64 -19.39
C TYR B 22 -33.44 21.17 -19.64
N THR B 23 -34.10 20.81 -20.75
CA THR B 23 -34.31 19.41 -21.06
C THR B 23 -33.01 18.77 -21.52
N ILE B 24 -32.27 19.44 -22.41
CA ILE B 24 -31.03 18.87 -22.92
C ILE B 24 -29.98 18.82 -21.81
N VAL B 25 -29.93 19.85 -20.96
CA VAL B 25 -28.98 19.84 -19.84
C VAL B 25 -29.23 18.63 -18.95
N PHE B 26 -30.50 18.32 -18.69
CA PHE B 26 -30.82 17.19 -17.82
C PHE B 26 -30.47 15.87 -18.50
N VAL B 27 -30.74 15.75 -19.80
CA VAL B 27 -30.58 14.46 -20.47
C VAL B 27 -29.11 14.15 -20.73
N VAL B 28 -28.27 15.17 -20.94
CA VAL B 28 -26.84 14.94 -21.16
C VAL B 28 -26.01 15.27 -19.94
N GLY B 29 -26.62 15.78 -18.87
CA GLY B 29 -25.88 16.12 -17.67
C GLY B 29 -26.03 15.09 -16.58
N LEU B 30 -27.27 14.65 -16.32
CA LEU B 30 -27.50 13.66 -15.29
C LEU B 30 -26.77 12.35 -15.56
N PRO B 31 -26.87 11.75 -16.74
CA PRO B 31 -26.13 10.50 -16.96
C PRO B 31 -24.63 10.69 -17.07
N SER B 32 -24.19 11.81 -17.66
CA SER B 32 -22.76 12.03 -17.82
C SER B 32 -22.08 12.21 -16.47
N ASN B 33 -22.63 13.08 -15.62
CA ASN B 33 -22.13 13.19 -14.26
C ASN B 33 -22.43 11.92 -13.45
N GLY B 34 -23.48 11.20 -13.82
CA GLY B 34 -23.77 9.93 -13.15
C GLY B 34 -22.68 8.90 -13.38
N MET B 35 -22.21 8.79 -14.62
CA MET B 35 -21.08 7.90 -14.91
C MET B 35 -19.81 8.40 -14.23
N ALA B 36 -19.64 9.73 -14.11
CA ALA B 36 -18.46 10.27 -13.46
C ALA B 36 -18.37 9.82 -12.00
N LEU B 37 -19.49 9.87 -11.28
CA LEU B 37 -19.50 9.36 -9.91
C LEU B 37 -19.30 7.86 -9.88
N TRP B 38 -19.74 7.16 -10.93
CA TRP B 38 -19.53 5.71 -11.00
C TRP B 38 -18.05 5.38 -10.94
N VAL B 39 -17.23 6.09 -11.72
CA VAL B 39 -15.79 5.79 -11.74
C VAL B 39 -15.13 6.29 -10.47
N PHE B 40 -15.43 7.53 -10.07
CA PHE B 40 -14.67 8.15 -8.98
C PHE B 40 -14.89 7.41 -7.67
N LEU B 41 -16.06 6.80 -7.49
CA LEU B 41 -16.39 6.12 -6.23
C LEU B 41 -16.19 4.61 -6.30
N PHE B 42 -16.63 3.95 -7.38
CA PHE B 42 -16.60 2.51 -7.46
C PHE B 42 -15.30 1.98 -8.03
N ARG B 43 -14.94 2.43 -9.23
CA ARG B 43 -13.83 1.82 -9.97
C ARG B 43 -12.48 2.46 -9.65
N THR B 44 -12.46 3.62 -9.01
CA THR B 44 -11.21 4.24 -8.61
C THR B 44 -10.72 3.57 -7.33
N LYS B 45 -9.52 2.95 -7.40
CA LYS B 45 -9.02 2.14 -6.30
C LYS B 45 -8.37 2.95 -5.19
N LYS B 46 -8.04 4.22 -5.43
CA LYS B 46 -7.33 5.04 -4.46
C LYS B 46 -7.99 6.41 -4.35
N LYS B 47 -7.87 7.01 -3.17
CA LYS B 47 -8.43 8.33 -2.91
C LYS B 47 -7.36 9.40 -3.19
N HIS B 48 -7.03 9.53 -4.47
CA HIS B 48 -6.08 10.54 -4.90
C HIS B 48 -6.70 11.93 -4.70
N PRO B 49 -5.90 12.94 -4.33
CA PRO B 49 -6.50 14.24 -4.02
C PRO B 49 -7.34 14.82 -5.14
N ALA B 50 -6.93 14.63 -6.40
CA ALA B 50 -7.73 15.11 -7.51
C ALA B 50 -9.09 14.43 -7.57
N VAL B 51 -9.14 13.14 -7.23
CA VAL B 51 -10.40 12.41 -7.24
C VAL B 51 -11.37 13.00 -6.23
N ILE B 52 -10.85 13.52 -5.11
CA ILE B 52 -11.72 14.04 -4.05
C ILE B 52 -12.52 15.23 -4.57
N TYR B 53 -11.84 16.20 -5.18
CA TYR B 53 -12.53 17.40 -5.65
C TYR B 53 -13.39 17.09 -6.88
N MET B 54 -12.88 16.26 -7.79
CA MET B 54 -13.63 15.94 -8.99
C MET B 54 -14.87 15.14 -8.68
N ALA B 55 -14.79 14.25 -7.69
CA ALA B 55 -15.97 13.48 -7.28
C ALA B 55 -17.03 14.40 -6.68
N ASN B 56 -16.61 15.34 -5.82
CA ASN B 56 -17.57 16.29 -5.24
C ASN B 56 -18.17 17.18 -6.32
N LEU B 57 -17.36 17.64 -7.27
CA LEU B 57 -17.88 18.46 -8.35
C LEU B 57 -18.90 17.70 -9.18
N ALA B 58 -18.64 16.43 -9.46
CA ALA B 58 -19.63 15.63 -10.16
C ALA B 58 -20.92 15.51 -9.36
N LEU B 59 -20.81 15.38 -8.04
CA LEU B 59 -22.00 15.35 -7.21
C LEU B 59 -22.75 16.68 -7.24
N ALA B 60 -22.02 17.79 -7.11
CA ALA B 60 -22.67 19.09 -7.11
C ALA B 60 -23.41 19.33 -8.43
N ASP B 61 -22.75 19.02 -9.54
CA ASP B 61 -23.40 19.21 -10.84
C ASP B 61 -24.54 18.21 -11.04
N LEU B 62 -24.40 17.00 -10.49
CA LEU B 62 -25.47 16.02 -10.63
C LEU B 62 -26.69 16.42 -9.80
N LEU B 63 -26.48 16.87 -8.57
CA LEU B 63 -27.58 17.29 -7.70
C LEU B 63 -28.26 18.55 -8.20
N SER B 64 -27.57 19.38 -8.99
CA SER B 64 -28.15 20.64 -9.42
C SER B 64 -29.30 20.44 -10.39
N VAL B 65 -29.27 19.36 -11.16
CA VAL B 65 -30.21 19.15 -12.26
C VAL B 65 -31.25 18.09 -11.94
N ILE B 66 -31.17 17.43 -10.78
CA ILE B 66 -32.13 16.37 -10.48
C ILE B 66 -33.55 16.91 -10.36
N TRP B 67 -33.71 18.18 -10.02
CA TRP B 67 -35.02 18.79 -9.89
C TRP B 67 -35.49 19.49 -11.16
N PHE B 68 -34.70 19.43 -12.24
CA PHE B 68 -35.09 20.03 -13.51
C PHE B 68 -36.29 19.35 -14.14
N PRO B 69 -36.50 18.04 -13.92
CA PRO B 69 -37.74 17.42 -14.42
C PRO B 69 -38.98 18.07 -13.87
N LEU B 70 -38.89 18.75 -12.73
CA LEU B 70 -39.99 19.56 -12.24
C LEU B 70 -40.02 20.94 -12.88
N LYS B 71 -38.85 21.48 -13.25
CA LYS B 71 -38.80 22.78 -13.90
C LYS B 71 -39.24 22.71 -15.36
N ILE B 72 -39.01 21.59 -16.04
CA ILE B 72 -39.49 21.47 -17.41
C ILE B 72 -41.00 21.56 -17.46
N ALA B 73 -41.69 20.87 -16.55
CA ALA B 73 -43.14 20.94 -16.50
C ALA B 73 -43.64 22.32 -16.09
N TYR B 74 -42.84 23.05 -15.32
CA TYR B 74 -43.22 24.39 -14.90
C TYR B 74 -43.45 25.32 -16.09
N HIS B 75 -42.59 25.21 -17.11
CA HIS B 75 -42.63 26.16 -18.23
C HIS B 75 -43.60 25.74 -19.33
N ILE B 76 -43.68 24.44 -19.64
CA ILE B 76 -44.59 24.00 -20.69
C ILE B 76 -46.04 24.27 -20.29
N HIS B 77 -46.35 24.12 -19.00
CA HIS B 77 -47.69 24.41 -18.47
C HIS B 77 -47.96 25.90 -18.36
N GLY B 78 -47.08 26.75 -18.87
CA GLY B 78 -47.31 28.18 -18.83
C GLY B 78 -46.90 28.82 -17.51
N ASN B 79 -45.76 28.40 -16.95
CA ASN B 79 -45.28 28.90 -15.67
C ASN B 79 -46.33 28.72 -14.58
N ASN B 80 -46.92 27.53 -14.53
CA ASN B 80 -47.93 27.17 -13.54
C ASN B 80 -47.36 26.09 -12.61
N TRP B 81 -47.34 26.37 -11.31
CA TRP B 81 -46.79 25.46 -10.31
C TRP B 81 -47.94 24.72 -9.65
N ILE B 82 -48.02 23.40 -9.92
CA ILE B 82 -49.05 22.54 -9.35
C ILE B 82 -48.51 21.61 -8.27
N TYR B 83 -47.20 21.61 -8.02
CA TYR B 83 -46.59 20.67 -7.10
C TYR B 83 -46.50 21.20 -5.68
N GLY B 84 -47.10 22.35 -5.39
CA GLY B 84 -47.17 22.86 -4.04
C GLY B 84 -45.99 23.74 -3.66
N GLU B 85 -46.13 24.38 -2.50
CA GLU B 85 -45.10 25.29 -2.01
C GLU B 85 -43.83 24.55 -1.61
N ALA B 86 -43.95 23.34 -1.09
CA ALA B 86 -42.79 22.65 -0.53
C ALA B 86 -41.72 22.39 -1.59
N LEU B 87 -42.13 21.89 -2.75
CA LEU B 87 -41.16 21.51 -3.77
C LEU B 87 -40.54 22.72 -4.45
N CYS B 88 -41.27 23.85 -4.50
CA CYS B 88 -40.69 25.06 -5.06
C CYS B 88 -39.54 25.59 -4.22
N ASN B 89 -39.59 25.38 -2.90
CA ASN B 89 -38.49 25.84 -2.05
C ASN B 89 -37.25 24.99 -2.24
N VAL B 90 -37.41 23.67 -2.38
CA VAL B 90 -36.24 22.81 -2.56
C VAL B 90 -35.70 22.91 -3.98
N LEU B 91 -36.56 23.17 -4.97
CA LEU B 91 -36.08 23.30 -6.34
C LEU B 91 -35.25 24.57 -6.52
N ILE B 92 -35.64 25.65 -5.84
CA ILE B 92 -34.80 26.84 -5.83
C ILE B 92 -33.56 26.61 -4.99
N GLY B 93 -33.71 25.96 -3.83
CA GLY B 93 -32.57 25.77 -2.95
C GLY B 93 -31.51 24.87 -3.56
N PHE B 94 -31.93 23.75 -4.14
CA PHE B 94 -30.98 22.85 -4.80
C PHE B 94 -30.34 23.53 -6.00
N PHE B 95 -31.12 24.29 -6.76
CA PHE B 95 -30.63 24.87 -8.00
C PHE B 95 -29.50 25.85 -7.73
N TYR B 96 -29.73 26.85 -6.88
CA TYR B 96 -28.67 27.80 -6.56
C TYR B 96 -27.68 27.24 -5.55
N GLY B 97 -28.09 26.28 -4.72
CA GLY B 97 -27.16 25.72 -3.76
C GLY B 97 -26.06 24.91 -4.43
N ASN B 98 -26.43 24.04 -5.38
CA ASN B 98 -25.43 23.25 -6.08
C ASN B 98 -24.70 24.06 -7.14
N MET B 99 -25.42 24.94 -7.84
CA MET B 99 -24.77 25.75 -8.89
C MET B 99 -23.65 26.58 -8.30
N TYR B 100 -23.87 27.15 -7.12
CA TYR B 100 -22.82 27.89 -6.43
C TYR B 100 -21.83 26.96 -5.75
N CYS B 101 -22.22 25.71 -5.46
CA CYS B 101 -21.27 24.74 -4.94
C CYS B 101 -20.26 24.35 -6.01
N SER B 102 -20.72 24.16 -7.25
CA SER B 102 -19.80 23.83 -8.34
C SER B 102 -18.77 24.93 -8.52
N ILE B 103 -19.19 26.19 -8.41
CA ILE B 103 -18.24 27.29 -8.54
C ILE B 103 -17.11 27.13 -7.53
N LEU B 104 -17.42 26.63 -6.34
CA LEU B 104 -16.41 26.47 -5.30
C LEU B 104 -15.52 25.26 -5.56
N PHE B 105 -16.10 24.15 -6.02
CA PHE B 105 -15.29 22.95 -6.24
C PHE B 105 -14.40 23.08 -7.45
N MET B 106 -14.84 23.81 -8.48
CA MET B 106 -13.95 24.13 -9.58
C MET B 106 -12.90 25.17 -9.19
N THR B 107 -13.11 25.89 -8.09
CA THR B 107 -12.05 26.70 -7.52
C THR B 107 -11.06 25.86 -6.74
N CYS B 108 -11.52 24.77 -6.13
CA CYS B 108 -10.62 23.85 -5.46
C CYS B 108 -9.68 23.16 -6.45
N LEU B 109 -10.22 22.71 -7.58
CA LEU B 109 -9.39 22.07 -8.59
C LEU B 109 -8.36 23.05 -9.16
N SER B 110 -8.76 24.27 -9.44
CA SER B 110 -7.84 25.24 -10.02
C SER B 110 -6.70 25.54 -9.05
N VAL B 111 -7.01 25.69 -7.76
CA VAL B 111 -5.96 25.95 -6.78
C VAL B 111 -5.22 24.68 -6.41
N GLN B 112 -5.90 23.53 -6.37
CA GLN B 112 -5.21 22.28 -6.12
C GLN B 112 -4.16 22.02 -7.19
N ARG B 113 -4.53 22.23 -8.46
CA ARG B 113 -3.59 22.02 -9.55
C ARG B 113 -2.44 23.01 -9.48
N TYR B 114 -2.73 24.26 -9.12
CA TYR B 114 -1.68 25.27 -9.06
C TYR B 114 -0.58 24.86 -8.09
N TRP B 115 -0.95 24.42 -6.88
CA TRP B 115 0.07 24.05 -5.91
C TRP B 115 0.88 22.86 -6.41
N VAL B 116 0.22 21.87 -7.01
CA VAL B 116 0.91 20.67 -7.45
C VAL B 116 1.83 20.98 -8.62
N ILE B 117 1.31 21.67 -9.64
CA ILE B 117 2.10 21.89 -10.84
C ILE B 117 3.23 22.88 -10.58
N VAL B 118 2.95 23.95 -9.83
CA VAL B 118 3.94 25.00 -9.64
C VAL B 118 4.91 24.63 -8.52
N ASN B 119 4.43 23.97 -7.46
CA ASN B 119 5.25 23.56 -6.33
C ASN B 119 5.11 22.05 -6.15
N PRO B 120 5.85 21.25 -6.92
CA PRO B 120 5.76 19.79 -6.75
C PRO B 120 6.47 19.30 -5.50
N MET B 121 5.98 19.71 -4.32
CA MET B 121 6.59 19.28 -3.08
C MET B 121 6.24 17.84 -2.74
N GLY B 122 5.17 17.30 -3.31
CA GLY B 122 4.96 15.87 -3.36
C GLY B 122 4.35 15.24 -2.12
N HIS B 123 3.81 16.01 -1.18
CA HIS B 123 3.24 15.42 0.02
C HIS B 123 1.81 14.98 -0.26
N SER B 124 1.61 14.23 -1.34
CA SER B 124 0.26 13.83 -1.74
C SER B 124 -0.37 12.83 -0.78
N ARG B 125 0.44 12.13 0.02
CA ARG B 125 -0.11 11.19 0.99
C ARG B 125 -1.03 11.89 1.98
N LYS B 126 -0.56 13.01 2.55
CA LYS B 126 -1.34 13.74 3.54
C LYS B 126 -2.34 14.70 2.91
N LYS B 127 -2.15 15.08 1.65
CA LYS B 127 -3.10 15.99 1.00
C LYS B 127 -4.43 15.31 0.71
N ALA B 128 -4.49 13.98 0.71
CA ALA B 128 -5.78 13.31 0.58
C ALA B 128 -6.69 13.65 1.75
N ASN B 129 -6.12 13.92 2.92
CA ASN B 129 -6.92 14.35 4.05
C ASN B 129 -7.38 15.79 3.89
N ILE B 130 -6.51 16.66 3.40
CA ILE B 130 -6.87 18.07 3.23
C ILE B 130 -7.99 18.21 2.21
N ALA B 131 -7.99 17.37 1.18
CA ALA B 131 -9.05 17.44 0.18
C ALA B 131 -10.40 17.15 0.81
N ILE B 132 -10.48 16.12 1.65
CA ILE B 132 -11.74 15.82 2.33
C ILE B 132 -12.07 16.89 3.36
N GLY B 133 -11.05 17.39 4.06
CA GLY B 133 -11.29 18.46 5.02
C GLY B 133 -11.79 19.73 4.36
N ILE B 134 -11.18 20.13 3.25
CA ILE B 134 -11.67 21.29 2.51
C ILE B 134 -13.01 20.99 1.86
N SER B 135 -13.20 19.76 1.39
CA SER B 135 -14.44 19.41 0.72
C SER B 135 -15.63 19.55 1.66
N LEU B 136 -15.48 19.11 2.91
CA LEU B 136 -16.58 19.23 3.87
C LEU B 136 -16.84 20.69 4.24
N ALA B 137 -15.77 21.48 4.37
CA ALA B 137 -15.94 22.89 4.73
C ALA B 137 -16.71 23.66 3.67
N ILE B 138 -16.82 23.13 2.46
CA ILE B 138 -17.57 23.79 1.41
C ILE B 138 -19.03 23.34 1.39
N TRP B 139 -19.27 22.05 1.57
CA TRP B 139 -20.65 21.56 1.65
C TRP B 139 -21.39 22.17 2.83
N LEU B 140 -20.72 22.27 3.98
CA LEU B 140 -21.35 22.91 5.13
C LEU B 140 -21.64 24.38 4.86
N LEU B 141 -20.69 25.08 4.24
CA LEU B 141 -20.91 26.50 3.94
C LEU B 141 -22.07 26.67 2.96
N ILE B 142 -22.18 25.79 1.97
CA ILE B 142 -23.29 25.88 1.04
C ILE B 142 -24.62 25.69 1.75
N LEU B 143 -24.67 24.74 2.69
CA LEU B 143 -25.89 24.57 3.47
C LEU B 143 -26.21 25.82 4.28
N LEU B 144 -25.20 26.41 4.91
CA LEU B 144 -25.41 27.58 5.75
C LEU B 144 -25.90 28.79 4.96
N VAL B 145 -25.60 28.85 3.65
CA VAL B 145 -26.08 29.95 2.82
C VAL B 145 -27.35 29.59 2.05
N THR B 146 -27.72 28.30 2.01
CA THR B 146 -28.95 27.90 1.35
C THR B 146 -30.16 27.92 2.28
N ILE B 147 -29.94 28.16 3.58
CA ILE B 147 -31.08 28.21 4.51
C ILE B 147 -32.10 29.26 4.09
N PRO B 148 -31.73 30.49 3.72
CA PRO B 148 -32.74 31.48 3.36
C PRO B 148 -33.60 31.07 2.18
N LEU B 149 -33.14 30.15 1.33
CA LEU B 149 -33.95 29.68 0.22
C LEU B 149 -35.01 28.68 0.64
N TYR B 150 -34.98 28.21 1.89
CA TYR B 150 -35.98 27.28 2.40
C TYR B 150 -36.97 27.91 3.36
N VAL B 151 -36.56 28.94 4.11
CA VAL B 151 -37.40 29.54 5.12
C VAL B 151 -38.17 30.74 4.57
N VAL B 152 -38.11 30.94 3.26
CA VAL B 152 -38.74 32.09 2.60
C VAL B 152 -39.78 31.59 1.62
N LYS B 153 -40.98 32.14 1.72
CA LYS B 153 -42.05 31.78 0.79
C LYS B 153 -41.70 32.25 -0.61
N GLN B 154 -41.90 31.38 -1.59
CA GLN B 154 -41.55 31.65 -2.97
C GLN B 154 -42.75 31.71 -3.90
N THR B 155 -43.70 30.78 -3.77
CA THR B 155 -44.82 30.71 -4.69
C THR B 155 -45.78 31.86 -4.44
N ILE B 156 -46.10 32.61 -5.51
CA ILE B 156 -47.09 33.68 -5.47
C ILE B 156 -48.12 33.40 -6.54
N PHE B 157 -49.39 33.61 -6.20
CA PHE B 157 -50.48 33.43 -7.15
C PHE B 157 -50.90 34.78 -7.71
N ILE B 158 -51.00 34.86 -9.03
CA ILE B 158 -51.39 36.08 -9.73
C ILE B 158 -52.79 35.88 -10.28
N PRO B 159 -53.82 36.56 -9.75
CA PRO B 159 -55.17 36.34 -10.27
C PRO B 159 -55.33 36.73 -11.73
N ALA B 160 -54.57 37.73 -12.20
CA ALA B 160 -54.75 38.21 -13.57
C ALA B 160 -54.32 37.18 -14.61
N LEU B 161 -53.57 36.15 -14.21
CA LEU B 161 -53.09 35.14 -15.14
C LEU B 161 -53.49 33.72 -14.76
N ASN B 162 -53.99 33.50 -13.54
CA ASN B 162 -54.33 32.16 -13.07
C ASN B 162 -53.12 31.22 -13.12
N ILE B 163 -51.96 31.74 -12.76
CA ILE B 163 -50.73 30.97 -12.70
C ILE B 163 -50.04 31.23 -11.37
N THR B 164 -49.24 30.26 -10.93
CA THR B 164 -48.43 30.36 -9.72
C THR B 164 -46.96 30.35 -10.12
N THR B 165 -46.23 31.39 -9.72
CA THR B 165 -44.83 31.55 -10.08
C THR B 165 -43.96 31.06 -8.92
N CYS B 166 -43.10 30.07 -9.21
CA CYS B 166 -42.27 29.50 -8.16
C CYS B 166 -41.26 30.52 -7.65
N HIS B 167 -40.57 31.21 -8.57
CA HIS B 167 -39.60 32.24 -8.18
C HIS B 167 -39.67 33.51 -9.01
N ASP B 168 -40.38 33.51 -10.15
CA ASP B 168 -40.28 34.63 -11.07
C ASP B 168 -40.85 35.91 -10.48
N VAL B 169 -41.95 35.82 -9.74
CA VAL B 169 -42.62 36.98 -9.17
C VAL B 169 -42.59 36.85 -7.64
N LEU B 170 -42.11 37.89 -6.98
CA LEU B 170 -42.06 37.97 -5.53
C LEU B 170 -42.53 39.33 -5.05
N PRO B 171 -42.78 39.48 -3.75
CA PRO B 171 -43.11 40.81 -3.21
C PRO B 171 -41.93 41.76 -3.31
N GLU B 172 -42.23 43.06 -3.27
CA GLU B 172 -41.17 44.05 -3.38
C GLU B 172 -40.25 44.00 -2.17
N GLN B 173 -40.81 43.79 -0.97
CA GLN B 173 -40.01 43.84 0.25
C GLN B 173 -38.93 42.77 0.23
N LEU B 174 -39.33 41.52 -0.03
CA LEU B 174 -38.36 40.45 -0.16
C LEU B 174 -37.25 40.86 -1.12
N LEU B 175 -37.60 41.15 -2.36
CA LEU B 175 -36.60 41.38 -3.41
C LEU B 175 -35.79 42.65 -3.19
N VAL B 176 -36.17 43.52 -2.25
CA VAL B 176 -35.50 44.80 -2.09
C VAL B 176 -34.62 44.88 -0.84
N GLY B 177 -34.85 44.04 0.17
CA GLY B 177 -33.99 44.05 1.32
C GLY B 177 -33.54 42.67 1.77
N ASP B 178 -34.37 41.66 1.51
CA ASP B 178 -34.06 40.31 1.95
C ASP B 178 -33.17 39.62 0.93
N MET B 179 -33.57 39.65 -0.34
CA MET B 179 -32.81 39.00 -1.40
C MET B 179 -31.77 39.92 -2.02
N PHE B 180 -31.92 41.24 -1.85
CA PHE B 180 -30.86 42.14 -2.30
C PHE B 180 -29.57 41.92 -1.55
N ASN B 181 -29.62 41.26 -0.40
CA ASN B 181 -28.44 40.98 0.40
C ASN B 181 -28.06 39.50 0.43
N TYR B 182 -29.05 38.61 0.39
CA TYR B 182 -28.73 37.19 0.24
C TYR B 182 -28.05 36.91 -1.08
N PHE B 183 -28.56 37.48 -2.18
CA PHE B 183 -28.03 37.18 -3.50
C PHE B 183 -26.84 38.06 -3.87
N LEU B 184 -26.81 39.30 -3.38
CA LEU B 184 -25.62 40.12 -3.57
C LEU B 184 -24.43 39.51 -2.88
N SER B 185 -24.62 38.99 -1.66
CA SER B 185 -23.55 38.27 -0.99
C SER B 185 -23.24 36.94 -1.66
N LEU B 186 -24.26 36.29 -2.24
CA LEU B 186 -24.01 35.03 -2.94
C LEU B 186 -23.19 35.25 -4.21
N ALA B 187 -23.54 36.28 -5.00
CA ALA B 187 -22.80 36.53 -6.22
C ALA B 187 -21.41 37.09 -5.94
N ILE B 188 -21.30 38.05 -5.03
CA ILE B 188 -20.01 38.63 -4.73
C ILE B 188 -19.14 37.64 -3.97
N GLY B 189 -19.71 36.92 -3.01
CA GLY B 189 -18.93 36.09 -2.12
C GLY B 189 -18.66 34.69 -2.65
N VAL B 190 -19.65 34.08 -3.31
CA VAL B 190 -19.54 32.70 -3.75
C VAL B 190 -19.17 32.57 -5.22
N PHE B 191 -19.16 33.66 -5.99
CA PHE B 191 -18.71 33.62 -7.36
C PHE B 191 -17.53 34.55 -7.63
N LEU B 192 -17.66 35.84 -7.30
CA LEU B 192 -16.64 36.81 -7.69
C LEU B 192 -15.30 36.50 -7.03
N PHE B 193 -15.32 36.10 -5.76
CA PHE B 193 -14.06 35.82 -5.08
C PHE B 193 -13.50 34.47 -5.53
N PRO B 194 -14.30 33.40 -5.57
CA PRO B 194 -13.78 32.14 -6.15
C PRO B 194 -13.33 32.28 -7.59
N ALA B 195 -13.98 33.14 -8.38
CA ALA B 195 -13.52 33.35 -9.75
C ALA B 195 -12.14 34.00 -9.78
N PHE B 196 -11.83 34.83 -8.79
CA PHE B 196 -10.51 35.45 -8.73
C PHE B 196 -9.42 34.41 -8.57
N LEU B 197 -9.66 33.39 -7.74
CA LEU B 197 -8.68 32.33 -7.55
C LEU B 197 -8.56 31.47 -8.80
N THR B 198 -9.70 31.04 -9.36
CA THR B 198 -9.65 30.17 -10.53
C THR B 198 -8.99 30.86 -11.71
N ALA B 199 -9.35 32.12 -11.96
CA ALA B 199 -8.69 32.87 -13.03
C ALA B 199 -7.22 33.08 -12.72
N SER B 200 -6.90 33.44 -11.48
CA SER B 200 -5.51 33.65 -11.10
C SER B 200 -4.72 32.34 -11.14
N ALA B 201 -5.32 31.26 -10.65
CA ALA B 201 -4.60 29.99 -10.57
C ALA B 201 -4.23 29.47 -11.95
N TYR B 202 -5.17 29.53 -12.90
CA TYR B 202 -4.94 28.94 -14.21
C TYR B 202 -4.03 29.80 -15.09
N VAL B 203 -4.14 31.12 -15.00
CA VAL B 203 -3.23 31.96 -15.79
C VAL B 203 -1.80 31.79 -15.29
N LEU B 204 -1.62 31.52 -14.00
CA LEU B 204 -0.29 31.22 -13.49
C LEU B 204 0.20 29.86 -13.96
N MET B 205 -0.71 28.89 -14.09
CA MET B 205 -0.32 27.59 -14.63
C MET B 205 0.12 27.73 -16.09
N ILE B 206 -0.60 28.52 -16.88
CA ILE B 206 -0.21 28.75 -18.27
C ILE B 206 1.14 29.46 -18.32
N ARG B 207 1.36 30.43 -17.43
CA ARG B 207 2.63 31.14 -17.42
C ARG B 207 3.78 30.20 -17.12
N MET B 208 3.57 29.23 -16.21
CA MET B 208 4.63 28.28 -15.89
C MET B 208 4.85 27.30 -17.03
N LEU B 209 3.77 26.76 -17.61
CA LEU B 209 3.91 25.78 -18.68
C LEU B 209 4.43 26.40 -19.98
N ARG B 210 4.32 27.73 -20.13
CA ARG B 210 4.90 28.42 -21.27
C ARG B 210 6.32 28.88 -21.03
N SER B 211 6.83 28.77 -19.80
CA SER B 211 8.15 29.30 -19.49
C SER B 211 9.23 28.53 -20.24
N SER B 212 10.31 29.26 -20.57
CA SER B 212 11.44 28.65 -21.25
C SER B 212 12.20 27.66 -20.38
N ALA B 213 11.97 27.68 -19.06
CA ALA B 213 12.66 26.76 -18.16
C ALA B 213 12.22 25.31 -18.34
N MET B 214 11.11 25.07 -19.03
CA MET B 214 10.62 23.71 -19.22
C MET B 214 11.46 22.99 -20.28
N ASP B 215 11.60 21.67 -20.10
CA ASP B 215 12.37 20.88 -21.05
C ASP B 215 11.62 20.73 -22.36
N GLU B 216 12.32 20.92 -23.47
CA GLU B 216 11.69 20.91 -24.79
C GLU B 216 11.20 19.53 -25.20
N ASN B 217 11.58 18.48 -24.48
CA ASN B 217 11.15 17.13 -24.86
C ASN B 217 9.69 16.88 -24.55
N SER B 218 9.10 17.65 -23.63
CA SER B 218 7.70 17.50 -23.26
C SER B 218 6.81 18.57 -23.87
N GLU B 219 7.32 19.34 -24.83
CA GLU B 219 6.57 20.46 -25.36
C GLU B 219 5.25 20.01 -25.98
N LYS B 220 5.25 18.87 -26.67
CA LYS B 220 4.03 18.40 -27.32
C LYS B 220 2.96 18.08 -26.28
N LYS B 221 3.34 17.45 -25.18
CA LYS B 221 2.38 17.12 -24.12
C LYS B 221 2.16 18.30 -23.18
N ARG B 222 3.12 19.21 -23.07
CA ARG B 222 2.97 20.37 -22.20
C ARG B 222 2.04 21.42 -22.78
N LYS B 223 1.93 21.49 -24.11
CA LYS B 223 1.02 22.44 -24.76
C LYS B 223 -0.39 21.90 -24.93
N ARG B 224 -0.60 20.59 -24.76
CA ARG B 224 -1.96 20.07 -24.72
C ARG B 224 -2.64 20.47 -23.42
N ALA B 225 -1.91 20.45 -22.31
CA ALA B 225 -2.47 20.93 -21.06
C ALA B 225 -2.78 22.42 -21.12
N ILE B 226 -1.98 23.19 -21.86
CA ILE B 226 -2.23 24.62 -21.97
C ILE B 226 -3.59 24.88 -22.61
N LYS B 227 -3.93 24.11 -23.65
CA LYS B 227 -5.23 24.29 -24.28
C LYS B 227 -6.37 23.84 -23.37
N LEU B 228 -6.14 22.85 -22.50
CA LEU B 228 -7.18 22.41 -21.58
C LEU B 228 -7.38 23.40 -20.44
N ILE B 229 -6.33 24.10 -20.03
CA ILE B 229 -6.48 25.11 -18.98
C ILE B 229 -7.32 26.27 -19.50
N VAL B 230 -7.11 26.68 -20.74
CA VAL B 230 -7.92 27.75 -21.33
C VAL B 230 -9.36 27.28 -21.52
N THR B 231 -9.54 26.02 -21.94
CA THR B 231 -10.89 25.48 -22.07
C THR B 231 -11.61 25.46 -20.73
N VAL B 232 -10.92 25.03 -19.68
CA VAL B 232 -11.52 24.99 -18.35
C VAL B 232 -11.85 26.38 -17.86
N LEU B 233 -10.91 27.32 -18.04
CA LEU B 233 -11.11 28.67 -17.52
C LEU B 233 -12.16 29.42 -18.32
N ALA B 234 -12.21 29.20 -19.64
CA ALA B 234 -13.20 29.89 -20.46
C ALA B 234 -14.61 29.45 -20.11
N MET B 235 -14.84 28.14 -19.95
CA MET B 235 -16.17 27.66 -19.60
C MET B 235 -16.61 28.20 -18.24
N TYR B 236 -15.66 28.30 -17.30
CA TYR B 236 -15.96 28.84 -15.99
C TYR B 236 -16.43 30.29 -16.09
N LEU B 237 -15.78 31.09 -16.93
CA LEU B 237 -16.06 32.52 -16.94
C LEU B 237 -17.30 32.85 -17.76
N ILE B 238 -17.41 32.30 -18.97
CA ILE B 238 -18.53 32.65 -19.84
C ILE B 238 -19.85 32.01 -19.41
N CYS B 239 -19.81 31.00 -18.54
CA CYS B 239 -21.03 30.36 -18.08
C CYS B 239 -21.58 30.98 -16.81
N PHE B 240 -20.76 31.65 -16.02
CA PHE B 240 -21.18 32.19 -14.74
C PHE B 240 -21.06 33.71 -14.63
N THR B 241 -20.17 34.33 -15.39
CA THR B 241 -20.11 35.80 -15.38
C THR B 241 -21.39 36.45 -15.88
N PRO B 242 -22.00 35.99 -16.98
CA PRO B 242 -23.22 36.66 -17.47
C PRO B 242 -24.34 36.67 -16.44
N SER B 243 -24.73 35.48 -15.96
CA SER B 243 -25.84 35.40 -15.01
C SER B 243 -25.54 36.17 -13.73
N ASN B 244 -24.32 36.04 -13.21
CA ASN B 244 -23.98 36.70 -11.97
C ASN B 244 -23.81 38.20 -12.16
N LEU B 245 -23.41 38.64 -13.34
CA LEU B 245 -23.32 40.07 -13.60
C LEU B 245 -24.71 40.70 -13.70
N LEU B 246 -25.65 40.02 -14.36
CA LEU B 246 -27.01 40.54 -14.45
C LEU B 246 -27.73 40.44 -13.11
N LEU B 247 -27.32 39.52 -12.25
CA LEU B 247 -27.94 39.43 -10.93
C LEU B 247 -27.64 40.67 -10.10
N VAL B 248 -26.40 41.15 -10.14
CA VAL B 248 -26.07 42.37 -9.40
C VAL B 248 -26.79 43.57 -10.00
N VAL B 249 -26.82 43.67 -11.32
CA VAL B 249 -27.52 44.77 -11.98
C VAL B 249 -29.02 44.67 -11.72
N HIS B 250 -29.58 43.47 -11.83
CA HIS B 250 -31.01 43.29 -11.61
C HIS B 250 -31.42 43.82 -10.24
N TYR B 251 -30.75 43.36 -9.19
CA TYR B 251 -31.14 43.71 -7.83
C TYR B 251 -30.69 45.11 -7.45
N PHE B 252 -29.65 45.64 -8.11
CA PHE B 252 -29.22 47.00 -7.86
C PHE B 252 -30.29 48.01 -8.29
N LEU B 253 -30.89 47.81 -9.47
CA LEU B 253 -31.91 48.77 -9.92
C LEU B 253 -33.19 48.65 -9.12
N ILE B 254 -33.49 47.46 -8.58
CA ILE B 254 -34.71 47.30 -7.79
C ILE B 254 -34.64 48.15 -6.53
N LYS B 255 -33.51 48.09 -5.82
CA LYS B 255 -33.36 48.89 -4.61
C LYS B 255 -33.37 50.38 -4.92
N SER B 256 -32.68 50.79 -5.98
CA SER B 256 -32.54 52.21 -6.28
C SER B 256 -33.60 52.74 -7.22
N GLN B 257 -34.08 51.92 -8.16
CA GLN B 257 -35.11 52.34 -9.11
C GLN B 257 -36.40 51.51 -9.03
N GLY B 258 -36.38 50.35 -8.38
CA GLY B 258 -37.53 49.47 -8.45
C GLY B 258 -37.70 48.80 -9.80
N GLN B 259 -36.62 48.71 -10.57
CA GLN B 259 -36.66 48.16 -11.93
C GLN B 259 -36.56 46.64 -11.84
N SER B 260 -37.68 45.95 -12.08
CA SER B 260 -37.72 44.49 -12.07
C SER B 260 -37.73 43.89 -13.47
N HIS B 261 -37.55 44.72 -14.50
CA HIS B 261 -37.58 44.23 -15.87
C HIS B 261 -36.34 43.43 -16.25
N VAL B 262 -35.24 43.59 -15.51
CA VAL B 262 -33.99 42.93 -15.88
C VAL B 262 -34.06 41.42 -15.66
N TYR B 263 -35.01 40.94 -14.84
CA TYR B 263 -35.10 39.51 -14.58
C TYR B 263 -35.28 38.72 -15.87
N ALA B 264 -35.86 39.35 -16.90
CA ALA B 264 -36.01 38.67 -18.18
C ALA B 264 -34.65 38.36 -18.79
N LEU B 265 -33.71 39.30 -18.71
CA LEU B 265 -32.37 39.03 -19.21
C LEU B 265 -31.65 38.00 -18.34
N TYR B 266 -31.89 38.04 -17.03
CA TYR B 266 -31.17 37.16 -16.12
C TYR B 266 -31.52 35.70 -16.37
N ILE B 267 -32.80 35.40 -16.64
CA ILE B 267 -33.21 34.01 -16.78
C ILE B 267 -32.58 33.39 -18.02
N VAL B 268 -32.42 34.18 -19.10
CA VAL B 268 -31.74 33.68 -20.27
C VAL B 268 -30.25 33.53 -20.01
N ALA B 269 -29.65 34.52 -19.33
CA ALA B 269 -28.24 34.42 -18.96
C ALA B 269 -27.99 33.28 -17.99
N LEU B 270 -29.01 32.87 -17.24
CA LEU B 270 -28.90 31.71 -16.36
C LEU B 270 -28.88 30.40 -17.14
N CYS B 271 -29.25 30.41 -18.42
CA CYS B 271 -29.16 29.20 -19.22
C CYS B 271 -27.72 28.79 -19.45
N LEU B 272 -26.81 29.76 -19.55
CA LEU B 272 -25.40 29.43 -19.66
C LEU B 272 -24.90 28.70 -18.42
N SER B 273 -25.31 29.17 -17.23
CA SER B 273 -24.84 28.57 -16.00
C SER B 273 -25.27 27.12 -15.88
N THR B 274 -26.50 26.80 -16.28
CA THR B 274 -26.94 25.42 -16.26
C THR B 274 -26.26 24.59 -17.34
N LEU B 275 -25.93 25.20 -18.47
CA LEU B 275 -25.20 24.49 -19.51
C LEU B 275 -23.87 23.98 -18.98
N ASN B 276 -23.25 24.71 -18.04
CA ASN B 276 -21.96 24.30 -17.51
C ASN B 276 -22.05 23.01 -16.72
N SER B 277 -23.22 22.68 -16.17
CA SER B 277 -23.36 21.44 -15.40
C SER B 277 -23.08 20.21 -16.27
N CYS B 278 -23.38 20.29 -17.57
CA CYS B 278 -23.11 19.19 -18.48
C CYS B 278 -21.81 19.38 -19.27
N ILE B 279 -21.32 20.62 -19.37
CA ILE B 279 -20.04 20.85 -20.02
C ILE B 279 -18.89 20.34 -19.17
N ASP B 280 -18.98 20.51 -17.85
CA ASP B 280 -17.87 20.13 -16.97
C ASP B 280 -17.42 18.69 -17.13
N PRO B 281 -18.32 17.69 -17.18
CA PRO B 281 -17.83 16.31 -17.30
C PRO B 281 -17.02 16.06 -18.56
N PHE B 282 -17.28 16.79 -19.64
CA PHE B 282 -16.53 16.64 -20.87
C PHE B 282 -15.28 17.50 -20.90
N VAL B 283 -15.02 18.28 -19.85
CA VAL B 283 -13.87 19.17 -19.80
C VAL B 283 -12.95 18.86 -18.64
N TYR B 284 -13.43 18.21 -17.58
CA TYR B 284 -12.62 17.85 -16.42
C TYR B 284 -12.29 16.37 -16.40
N TYR B 285 -13.25 15.49 -16.64
CA TYR B 285 -13.07 14.05 -16.46
C TYR B 285 -12.79 13.34 -17.78
N PHE B 286 -13.63 13.55 -18.79
CA PHE B 286 -13.54 12.80 -20.04
C PHE B 286 -12.52 13.36 -21.02
N VAL B 287 -11.58 14.18 -20.56
CA VAL B 287 -10.50 14.63 -21.44
C VAL B 287 -9.31 13.68 -21.37
N SER B 288 -8.98 13.19 -20.18
CA SER B 288 -7.86 12.28 -20.03
C SER B 288 -8.21 10.89 -20.55
N HIS B 289 -7.18 10.19 -21.02
CA HIS B 289 -7.39 8.87 -21.60
C HIS B 289 -7.66 7.82 -20.53
N ASP B 290 -6.99 7.92 -19.38
CA ASP B 290 -7.12 6.89 -18.36
C ASP B 290 -8.54 6.84 -17.81
N PHE B 291 -9.16 8.00 -17.58
CA PHE B 291 -10.54 8.02 -17.09
C PHE B 291 -11.48 7.34 -18.07
N ARG B 292 -11.30 7.62 -19.37
CA ARG B 292 -12.12 6.95 -20.38
C ARG B 292 -11.89 5.46 -20.37
N ASP B 293 -10.67 5.02 -20.05
CA ASP B 293 -10.41 3.58 -19.94
C ASP B 293 -11.22 2.95 -18.82
N HIS B 294 -11.29 3.62 -17.67
CA HIS B 294 -12.11 3.10 -16.57
C HIS B 294 -13.57 3.06 -16.94
N ALA B 295 -14.05 4.07 -17.67
CA ALA B 295 -15.45 4.08 -18.09
C ALA B 295 -15.77 2.87 -18.95
N LYS B 296 -14.83 2.43 -19.77
CA LYS B 296 -15.01 1.24 -20.59
C LYS B 296 -14.63 -0.01 -19.81
N SER C 6 -8.49 -10.84 26.86
CA SER C 6 -8.43 -9.68 25.97
C SER C 6 -7.44 -8.64 26.49
N ALA C 7 -7.04 -8.77 27.76
CA ALA C 7 -6.06 -7.84 28.30
C ALA C 7 -4.74 -7.94 27.56
N GLU C 8 -4.32 -9.17 27.25
CA GLU C 8 -3.10 -9.36 26.47
C GLU C 8 -3.30 -9.00 25.00
N ASP C 9 -4.52 -9.17 24.49
CA ASP C 9 -4.80 -8.75 23.11
C ASP C 9 -4.69 -7.25 22.95
N LYS C 10 -5.09 -6.49 23.97
CA LYS C 10 -4.95 -5.04 23.89
C LYS C 10 -3.50 -4.61 23.93
N ALA C 11 -2.65 -5.38 24.63
CA ALA C 11 -1.22 -5.08 24.60
C ALA C 11 -0.60 -5.47 23.28
N ALA C 12 -1.17 -6.48 22.59
CA ALA C 12 -0.71 -6.81 21.25
C ALA C 12 -1.20 -5.79 20.24
N VAL C 13 -2.44 -5.33 20.38
CA VAL C 13 -2.97 -4.31 19.47
C VAL C 13 -2.22 -2.99 19.66
N GLU C 14 -1.81 -2.68 20.89
CA GLU C 14 -0.97 -1.52 21.11
C GLU C 14 0.37 -1.69 20.41
N ARG C 15 0.92 -2.90 20.44
CA ARG C 15 2.20 -3.17 19.78
C ARG C 15 2.11 -2.97 18.28
N SER C 16 1.02 -3.46 17.66
CA SER C 16 0.88 -3.30 16.21
C SER C 16 0.85 -1.83 15.82
N LYS C 17 0.14 -1.01 16.60
CA LYS C 17 0.13 0.42 16.32
C LYS C 17 1.51 1.04 16.55
N MET C 18 2.27 0.52 17.51
CA MET C 18 3.64 0.96 17.68
C MET C 18 4.49 0.57 16.47
N ILE C 19 4.26 -0.63 15.93
CA ILE C 19 4.93 -1.03 14.69
C ILE C 19 4.46 -0.15 13.54
N ASP C 20 3.15 0.08 13.43
CA ASP C 20 2.61 0.87 12.33
C ASP C 20 3.14 2.29 12.38
N ARG C 21 3.28 2.86 13.57
CA ARG C 21 3.83 4.20 13.70
C ARG C 21 5.23 4.28 13.12
N ASN C 22 6.08 3.29 13.44
CA ASN C 22 7.43 3.28 12.91
C ASN C 22 7.44 3.00 11.42
N LEU C 23 6.54 2.15 10.95
CA LEU C 23 6.44 1.87 9.52
C LEU C 23 6.10 3.13 8.74
N ARG C 24 5.12 3.90 9.23
CA ARG C 24 4.76 5.15 8.56
C ARG C 24 5.89 6.16 8.62
N GLU C 25 6.59 6.24 9.76
CA GLU C 25 7.67 7.22 9.90
C GLU C 25 8.87 6.86 9.03
N ASP C 26 9.05 5.58 8.70
CA ASP C 26 10.10 5.21 7.76
C ASP C 26 9.69 5.47 6.32
N GLY C 27 8.40 5.34 6.00
CA GLY C 27 7.95 5.60 4.64
C GLY C 27 8.08 7.05 4.25
N GLU C 28 7.75 7.97 5.16
CA GLU C 28 7.82 9.39 4.85
C GLU C 28 9.26 9.84 4.60
N LYS C 29 10.25 9.14 5.16
CA LYS C 29 11.63 9.48 4.88
C LYS C 29 12.05 9.03 3.48
N ALA C 30 11.59 7.85 3.04
CA ALA C 30 11.96 7.32 1.75
C ALA C 30 11.08 7.83 0.62
N ARG C 31 9.95 8.45 0.93
CA ARG C 31 9.07 8.96 -0.11
C ARG C 31 9.68 10.13 -0.86
N ARG C 32 10.53 10.90 -0.20
CA ARG C 32 11.11 12.12 -0.77
C ARG C 32 12.43 11.86 -1.49
N GLU C 33 12.86 10.61 -1.59
CA GLU C 33 14.12 10.26 -2.22
C GLU C 33 13.82 9.50 -3.51
N LEU C 34 14.40 9.97 -4.62
CA LEU C 34 14.04 9.48 -5.95
C LEU C 34 14.98 8.37 -6.38
N LYS C 35 14.41 7.28 -6.87
CA LYS C 35 15.16 6.13 -7.30
C LYS C 35 15.52 6.24 -8.78
N LEU C 36 16.77 5.89 -9.10
CA LEU C 36 17.29 5.92 -10.46
C LEU C 36 17.97 4.59 -10.76
N LEU C 37 17.75 4.07 -11.96
CA LEU C 37 18.37 2.83 -12.41
C LEU C 37 19.40 3.15 -13.49
N LEU C 38 20.57 2.54 -13.40
CA LEU C 38 21.62 2.68 -14.39
C LEU C 38 21.68 1.45 -15.27
N LEU C 39 21.70 1.67 -16.58
CA LEU C 39 21.88 0.61 -17.56
C LEU C 39 22.89 1.06 -18.59
N GLY C 40 23.52 0.10 -19.24
CA GLY C 40 24.49 0.41 -20.27
C GLY C 40 25.44 -0.73 -20.50
N THR C 41 26.01 -0.74 -21.70
CA THR C 41 26.98 -1.75 -22.08
C THR C 41 28.34 -1.43 -21.46
N GLY C 42 29.21 -2.43 -21.41
CA GLY C 42 30.54 -2.24 -20.88
C GLY C 42 31.33 -1.22 -21.69
N GLU C 43 32.40 -0.72 -21.08
CA GLU C 43 33.26 0.33 -21.63
C GLU C 43 32.55 1.67 -21.74
N SER C 44 31.38 1.82 -21.15
CA SER C 44 30.69 3.10 -21.03
C SER C 44 31.01 3.73 -19.68
N GLY C 45 30.78 5.03 -19.59
CA GLY C 45 31.11 5.76 -18.38
C GLY C 45 30.01 5.70 -17.33
N LYS C 46 29.44 4.52 -17.12
CA LYS C 46 28.36 4.36 -16.14
C LYS C 46 28.83 4.79 -14.76
N SER C 47 30.00 4.31 -14.33
CA SER C 47 30.46 4.50 -12.97
C SER C 47 31.18 5.83 -12.75
N THR C 48 31.44 6.59 -13.79
CA THR C 48 32.25 7.80 -13.68
C THR C 48 31.49 9.09 -13.97
N PHE C 49 30.43 9.05 -14.79
CA PHE C 49 29.77 10.28 -15.19
C PHE C 49 29.09 10.97 -14.03
N ILE C 50 28.80 10.27 -12.94
CA ILE C 50 28.16 10.87 -11.78
C ILE C 50 29.23 11.31 -10.78
N THR C 181 27.47 -3.89 -0.51
CA THR C 181 26.26 -4.38 -1.15
C THR C 181 26.59 -5.21 -2.38
N GLY C 182 25.73 -6.18 -2.68
CA GLY C 182 25.92 -7.01 -3.86
C GLY C 182 25.74 -6.25 -5.17
N ILE C 183 25.06 -5.11 -5.13
CA ILE C 183 24.84 -4.28 -6.31
C ILE C 183 25.26 -2.85 -5.95
N ILE C 184 25.94 -2.19 -6.89
CA ILE C 184 26.56 -0.90 -6.59
C ILE C 184 25.48 0.16 -6.38
N GLU C 185 25.65 0.97 -5.35
CA GLU C 185 24.76 2.06 -5.00
C GLU C 185 25.48 3.39 -5.19
N TYR C 186 24.70 4.45 -5.36
CA TYR C 186 25.26 5.79 -5.35
C TYR C 186 24.21 6.82 -4.97
N PRO C 187 24.27 7.39 -3.77
CA PRO C 187 23.34 8.48 -3.43
C PRO C 187 23.93 9.86 -3.71
N PHE C 188 23.08 10.77 -4.15
CA PHE C 188 23.47 12.15 -4.35
C PHE C 188 22.24 13.02 -4.25
N ASP C 189 22.43 14.28 -3.86
CA ASP C 189 21.33 15.22 -3.69
C ASP C 189 21.64 16.52 -4.41
N LEU C 190 20.67 17.01 -5.16
CA LEU C 190 20.74 18.31 -5.83
C LEU C 190 19.53 19.14 -5.40
N GLN C 191 19.79 20.39 -5.04
CA GLN C 191 18.72 21.33 -4.68
C GLN C 191 17.82 20.74 -3.60
N LYS C 192 18.44 20.13 -2.60
CA LYS C 192 17.71 19.57 -1.45
C LYS C 192 16.76 18.45 -1.85
N VAL C 193 17.06 17.77 -2.95
CA VAL C 193 16.31 16.60 -3.40
C VAL C 193 17.28 15.43 -3.47
N ASN C 194 16.96 14.35 -2.77
CA ASN C 194 17.84 13.21 -2.66
C ASN C 194 17.58 12.20 -3.77
N PHE C 195 18.64 11.66 -4.34
CA PHE C 195 18.57 10.65 -5.37
C PHE C 195 19.27 9.38 -4.90
N HIS C 196 18.68 8.23 -5.21
CA HIS C 196 19.25 6.93 -4.89
C HIS C 196 19.41 6.17 -6.19
N MET C 197 20.66 6.00 -6.62
CA MET C 197 20.99 5.48 -7.93
C MET C 197 21.53 4.06 -7.80
N PHE C 198 21.06 3.16 -8.66
CA PHE C 198 21.35 1.74 -8.56
C PHE C 198 22.05 1.24 -9.81
N ASP C 199 22.98 0.30 -9.63
CA ASP C 199 23.69 -0.35 -10.72
C ASP C 199 23.82 -1.82 -10.38
N VAL C 200 23.03 -2.67 -11.04
CA VAL C 200 22.98 -4.10 -10.74
C VAL C 200 24.06 -4.78 -11.56
N GLY C 201 25.23 -4.95 -10.94
CA GLY C 201 26.29 -5.71 -11.59
C GLY C 201 25.92 -7.17 -11.79
N GLY C 202 25.28 -7.77 -10.80
CA GLY C 202 24.84 -9.15 -10.89
C GLY C 202 23.45 -9.29 -11.48
N ARG C 208 17.56 -9.44 -19.17
CA ARG C 208 17.34 -9.00 -17.80
C ARG C 208 15.91 -9.26 -17.35
N LYS C 209 15.76 -9.83 -16.15
CA LYS C 209 14.47 -9.95 -15.51
C LYS C 209 14.40 -9.28 -14.14
N TRP C 210 15.54 -9.06 -13.48
CA TRP C 210 15.55 -8.19 -12.32
C TRP C 210 15.12 -6.77 -12.66
N ILE C 211 15.01 -6.44 -13.95
CA ILE C 211 14.54 -5.12 -14.36
C ILE C 211 13.13 -4.86 -13.85
N GLN C 212 12.35 -5.92 -13.66
CA GLN C 212 11.00 -5.75 -13.14
C GLN C 212 11.01 -5.08 -11.77
N CYS C 213 12.03 -5.37 -10.96
CA CYS C 213 12.10 -4.80 -9.62
C CYS C 213 12.22 -3.28 -9.64
N PHE C 214 12.68 -2.71 -10.75
CA PHE C 214 12.87 -1.27 -10.86
C PHE C 214 11.71 -0.59 -11.58
N ASN C 215 10.57 -1.25 -11.66
CA ASN C 215 9.35 -0.58 -12.06
C ASN C 215 9.00 0.49 -11.04
N ASP C 216 8.39 1.57 -11.51
CA ASP C 216 8.03 2.70 -10.65
C ASP C 216 9.27 3.36 -10.05
N VAL C 217 10.38 3.38 -10.78
CA VAL C 217 11.46 4.29 -10.46
C VAL C 217 11.19 5.65 -11.09
N THR C 218 11.87 6.68 -10.60
CA THR C 218 11.68 8.02 -11.15
C THR C 218 12.11 8.06 -12.61
N ALA C 219 13.28 7.52 -12.92
CA ALA C 219 13.82 7.58 -14.26
C ALA C 219 14.94 6.57 -14.41
N ILE C 220 14.99 5.92 -15.56
CA ILE C 220 16.10 5.06 -15.94
C ILE C 220 17.18 5.93 -16.56
N ILE C 221 18.44 5.65 -16.23
CA ILE C 221 19.58 6.33 -16.83
C ILE C 221 20.33 5.31 -17.67
N PHE C 222 20.40 5.56 -18.97
CA PHE C 222 21.03 4.64 -19.92
C PHE C 222 22.25 5.33 -20.50
N VAL C 223 23.41 4.71 -20.33
CA VAL C 223 24.68 5.26 -20.80
C VAL C 223 25.22 4.37 -21.90
N VAL C 224 25.61 4.98 -23.01
CA VAL C 224 26.08 4.27 -24.19
C VAL C 224 27.32 4.98 -24.73
N ASP C 225 28.29 4.20 -25.20
CA ASP C 225 29.50 4.76 -25.79
C ASP C 225 29.22 5.12 -27.24
N SER C 226 29.06 6.41 -27.51
CA SER C 226 28.78 6.86 -28.87
C SER C 226 30.00 6.80 -29.76
N SER C 227 31.20 6.69 -29.18
CA SER C 227 32.41 6.69 -29.99
C SER C 227 32.56 5.38 -30.76
N ASP C 228 32.23 4.25 -30.13
CA ASP C 228 32.45 2.94 -30.74
C ASP C 228 31.29 2.64 -31.68
N TYR C 229 31.48 2.90 -32.96
CA TYR C 229 30.41 2.68 -33.94
C TYR C 229 30.09 1.19 -34.07
N ASN C 230 31.11 0.34 -34.00
CA ASN C 230 30.89 -1.10 -34.18
C ASN C 230 29.92 -1.64 -33.14
N ARG C 231 30.10 -1.23 -31.88
CA ARG C 231 29.22 -1.67 -30.81
C ARG C 231 27.99 -0.78 -30.65
N LEU C 232 27.90 0.33 -31.40
CA LEU C 232 26.76 1.23 -31.26
C LEU C 232 25.46 0.55 -31.66
N GLN C 233 25.49 -0.25 -32.73
CA GLN C 233 24.28 -0.97 -33.11
C GLN C 233 23.86 -1.95 -32.03
N GLU C 234 24.83 -2.59 -31.38
CA GLU C 234 24.50 -3.46 -30.26
C GLU C 234 23.91 -2.68 -29.11
N ALA C 235 24.47 -1.51 -28.82
CA ALA C 235 23.86 -0.63 -27.81
C ALA C 235 22.51 -0.12 -28.28
N LEU C 236 22.37 0.16 -29.57
CA LEU C 236 21.07 0.57 -30.11
C LEU C 236 20.03 -0.52 -29.91
N ASN C 237 20.42 -1.78 -30.15
CA ASN C 237 19.50 -2.89 -29.89
C ASN C 237 19.15 -2.98 -28.41
N ASP C 238 20.13 -2.74 -27.54
CA ASP C 238 19.87 -2.79 -26.10
C ASP C 238 18.85 -1.73 -25.71
N PHE C 239 18.97 -0.52 -26.25
CA PHE C 239 18.04 0.55 -25.92
C PHE C 239 16.63 0.24 -26.42
N LYS C 240 16.52 -0.49 -27.54
CA LYS C 240 15.21 -0.95 -27.99
C LYS C 240 14.57 -1.87 -26.96
N SER C 241 15.35 -2.83 -26.43
CA SER C 241 14.80 -3.77 -25.47
C SER C 241 14.34 -3.06 -24.21
N ILE C 242 15.10 -2.07 -23.75
CA ILE C 242 14.75 -1.35 -22.53
C ILE C 242 13.54 -0.46 -22.78
N TRP C 243 13.52 0.25 -23.91
CA TRP C 243 12.47 1.26 -24.13
C TRP C 243 11.10 0.60 -24.30
N ASN C 244 11.02 -0.48 -25.06
CA ASN C 244 9.77 -1.19 -25.27
C ASN C 244 9.55 -2.31 -24.27
N ASN C 245 10.21 -2.26 -23.11
CA ASN C 245 9.99 -3.28 -22.09
C ASN C 245 8.58 -3.18 -21.54
N ARG C 246 8.00 -4.34 -21.22
CA ARG C 246 6.61 -4.37 -20.77
C ARG C 246 6.43 -3.60 -19.47
N TRP C 247 7.42 -3.64 -18.58
CA TRP C 247 7.32 -3.02 -17.27
C TRP C 247 8.03 -1.68 -17.19
N LEU C 248 8.45 -1.12 -18.33
CA LEU C 248 9.09 0.19 -18.37
C LEU C 248 8.34 1.15 -19.30
N ARG C 249 7.09 0.82 -19.64
CA ARG C 249 6.32 1.64 -20.58
C ARG C 249 5.94 2.99 -20.01
N THR C 250 6.08 3.20 -18.71
CA THR C 250 5.82 4.49 -18.09
C THR C 250 7.06 5.13 -17.50
N ILE C 251 8.22 4.49 -17.61
CA ILE C 251 9.46 4.99 -17.04
C ILE C 251 10.22 5.73 -18.13
N SER C 252 10.39 7.04 -17.94
CA SER C 252 11.19 7.82 -18.87
C SER C 252 12.66 7.42 -18.76
N VAL C 253 13.35 7.41 -19.89
CA VAL C 253 14.74 7.01 -19.97
C VAL C 253 15.57 8.25 -20.22
N ILE C 254 16.55 8.49 -19.35
CA ILE C 254 17.50 9.58 -19.54
C ILE C 254 18.72 9.00 -20.24
N LEU C 255 18.87 9.30 -21.52
CA LEU C 255 19.90 8.71 -22.36
C LEU C 255 21.12 9.62 -22.39
N PHE C 256 22.28 9.05 -22.07
CA PHE C 256 23.56 9.75 -22.13
C PHE C 256 24.38 9.15 -23.25
N LEU C 257 24.70 9.95 -24.26
CA LEU C 257 25.62 9.57 -25.32
C LEU C 257 27.01 10.01 -24.88
N ASN C 258 27.65 9.16 -24.09
CA ASN C 258 28.85 9.54 -23.34
C ASN C 258 30.08 9.60 -24.24
N LYS C 259 31.12 10.25 -23.72
CA LYS C 259 32.41 10.37 -24.40
C LYS C 259 32.24 11.00 -25.79
N GLN C 260 31.59 12.16 -25.83
CA GLN C 260 31.46 12.91 -27.07
C GLN C 260 32.79 13.44 -27.57
N ASP C 261 33.77 13.61 -26.69
CA ASP C 261 35.10 14.02 -27.14
C ASP C 261 35.71 12.97 -28.06
N LEU C 262 35.61 11.70 -27.68
CA LEU C 262 36.17 10.64 -28.51
C LEU C 262 35.44 10.55 -29.85
N LEU C 263 34.15 10.88 -29.88
CA LEU C 263 33.44 10.93 -31.14
C LEU C 263 33.92 12.08 -32.02
N ALA C 264 34.21 13.23 -31.39
CA ALA C 264 34.66 14.39 -32.16
C ALA C 264 35.98 14.09 -32.86
N GLU C 265 36.98 13.62 -32.11
CA GLU C 265 38.28 13.38 -32.69
C GLU C 265 38.25 12.22 -33.69
N LYS C 266 37.39 11.22 -33.47
CA LYS C 266 37.37 10.06 -34.35
C LYS C 266 36.95 10.44 -35.77
N VAL C 267 35.96 11.32 -35.90
CA VAL C 267 35.55 11.79 -37.23
C VAL C 267 36.27 13.08 -37.63
N LEU C 268 36.71 13.88 -36.66
CA LEU C 268 37.48 15.08 -37.00
C LEU C 268 38.79 14.69 -37.68
N ALA C 269 39.46 13.66 -37.17
CA ALA C 269 40.68 13.15 -37.80
C ALA C 269 40.39 12.31 -39.03
N GLY C 270 39.15 11.84 -39.19
CA GLY C 270 38.80 11.05 -40.35
C GLY C 270 39.42 9.67 -40.38
N LYS C 271 39.82 9.13 -39.23
CA LYS C 271 40.47 7.82 -39.21
C LYS C 271 39.48 6.71 -39.55
N SER C 272 38.21 6.86 -39.18
CA SER C 272 37.18 5.86 -39.44
C SER C 272 35.95 6.55 -40.00
N LYS C 273 35.20 5.81 -40.82
CA LYS C 273 34.05 6.35 -41.53
C LYS C 273 32.78 5.73 -40.97
N ILE C 274 31.87 6.57 -40.49
CA ILE C 274 30.65 6.09 -39.86
C ILE C 274 29.76 5.36 -40.87
N GLU C 275 29.81 5.78 -42.14
CA GLU C 275 28.90 5.26 -43.14
C GLU C 275 29.05 3.75 -43.34
N ASP C 276 30.17 3.16 -42.90
CA ASP C 276 30.32 1.72 -43.00
C ASP C 276 29.21 1.00 -42.24
N TYR C 277 28.90 1.46 -41.03
CA TYR C 277 27.90 0.83 -40.18
C TYR C 277 26.52 1.44 -40.38
N PHE C 278 26.45 2.72 -40.71
CA PHE C 278 25.18 3.43 -40.90
C PHE C 278 25.19 4.06 -42.29
N PRO C 279 24.76 3.33 -43.33
CA PRO C 279 24.74 3.92 -44.67
C PRO C 279 23.88 5.17 -44.76
N GLU C 280 22.83 5.28 -43.96
CA GLU C 280 21.94 6.43 -44.01
C GLU C 280 22.61 7.72 -43.54
N PHE C 281 23.79 7.63 -42.91
CA PHE C 281 24.48 8.84 -42.51
C PHE C 281 24.90 9.68 -43.70
N ALA C 282 25.11 9.05 -44.86
CA ALA C 282 25.47 9.80 -46.06
C ALA C 282 24.36 10.73 -46.51
N ARG C 283 23.12 10.46 -46.10
CA ARG C 283 21.98 11.29 -46.48
C ARG C 283 21.62 12.31 -45.40
N TYR C 284 22.01 12.07 -44.15
CA TYR C 284 21.62 12.95 -43.06
C TYR C 284 22.38 14.28 -43.14
N THR C 285 21.70 15.34 -42.73
CA THR C 285 22.29 16.66 -42.61
C THR C 285 21.84 17.30 -41.31
N THR C 286 22.73 18.09 -40.71
CA THR C 286 22.45 18.66 -39.39
C THR C 286 21.38 19.73 -39.50
N PRO C 287 20.36 19.72 -38.63
CA PRO C 287 19.42 20.86 -38.59
C PRO C 287 19.91 22.04 -37.77
N GLU C 288 20.90 21.84 -36.90
CA GLU C 288 21.36 22.91 -36.02
C GLU C 288 22.84 23.19 -36.23
N GLY C 295 34.42 26.80 -31.16
CA GLY C 295 33.05 26.45 -31.50
C GLY C 295 32.91 24.99 -31.88
N GLU C 296 31.69 24.60 -32.24
CA GLU C 296 31.42 23.22 -32.64
C GLU C 296 31.76 23.04 -34.12
N ASP C 297 32.63 22.08 -34.40
CA ASP C 297 32.97 21.80 -35.79
C ASP C 297 31.76 21.24 -36.52
N PRO C 298 31.47 21.71 -37.75
CA PRO C 298 30.26 21.21 -38.42
C PRO C 298 30.24 19.72 -38.62
N ARG C 299 31.38 19.09 -38.88
CA ARG C 299 31.39 17.66 -39.18
C ARG C 299 31.06 16.82 -37.96
N VAL C 300 31.64 17.14 -36.80
CA VAL C 300 31.35 16.37 -35.60
C VAL C 300 29.90 16.58 -35.17
N THR C 301 29.40 17.80 -35.32
CA THR C 301 28.00 18.07 -34.98
C THR C 301 27.05 17.30 -35.88
N ARG C 302 27.37 17.19 -37.17
CA ARG C 302 26.55 16.39 -38.06
C ARG C 302 26.52 14.93 -37.61
N ALA C 303 27.69 14.38 -37.27
CA ALA C 303 27.73 13.02 -36.76
C ALA C 303 27.11 12.93 -35.37
N LYS C 304 27.32 13.95 -34.54
CA LYS C 304 26.80 13.93 -33.18
C LYS C 304 25.28 13.82 -33.17
N TYR C 305 24.61 14.63 -33.99
CA TYR C 305 23.16 14.63 -34.02
C TYR C 305 22.59 13.42 -34.75
N PHE C 306 23.34 12.84 -35.69
CA PHE C 306 22.89 11.60 -36.31
C PHE C 306 22.80 10.47 -35.30
N ILE C 307 23.81 10.36 -34.43
CA ILE C 307 23.81 9.29 -33.43
C ILE C 307 22.61 9.45 -32.50
N ARG C 308 22.33 10.67 -32.05
CA ARG C 308 21.15 10.92 -31.24
C ARG C 308 19.88 10.56 -32.01
N LYS C 309 19.78 10.99 -33.27
CA LYS C 309 18.57 10.77 -34.03
C LYS C 309 18.21 9.28 -34.08
N GLU C 310 19.20 8.41 -34.13
CA GLU C 310 18.92 6.98 -34.18
C GLU C 310 18.18 6.52 -32.92
N PHE C 311 18.61 7.00 -31.75
CA PHE C 311 17.97 6.59 -30.52
C PHE C 311 16.64 7.30 -30.30
N VAL C 312 16.55 8.59 -30.66
CA VAL C 312 15.30 9.31 -30.50
C VAL C 312 14.25 8.79 -31.46
N ASP C 313 14.66 8.40 -32.68
CA ASP C 313 13.73 7.75 -33.58
C ASP C 313 13.20 6.46 -32.97
N ILE C 314 14.07 5.72 -32.27
CA ILE C 314 13.62 4.54 -31.54
C ILE C 314 12.68 4.93 -30.42
N SER C 315 12.95 6.06 -29.77
CA SER C 315 12.13 6.51 -28.66
C SER C 315 10.74 6.93 -29.12
N THR C 316 10.66 7.83 -30.09
CA THR C 316 9.38 8.39 -30.50
C THR C 316 8.53 7.40 -31.30
N ALA C 317 9.10 6.30 -31.78
CA ALA C 317 8.33 5.35 -32.56
C ALA C 317 7.27 4.64 -31.74
N SER C 318 7.45 4.53 -30.42
CA SER C 318 6.50 3.80 -29.58
C SER C 318 6.15 4.50 -28.27
N GLY C 319 6.80 5.62 -27.92
CA GLY C 319 6.53 6.23 -26.63
C GLY C 319 5.08 6.66 -26.48
N ASP C 320 4.53 7.31 -27.50
CA ASP C 320 3.16 7.81 -27.50
C ASP C 320 2.91 8.78 -26.36
N GLY C 321 3.96 9.35 -25.78
CA GLY C 321 3.84 10.33 -24.72
C GLY C 321 3.69 9.76 -23.32
N ARG C 322 3.55 8.43 -23.18
CA ARG C 322 3.51 7.84 -21.84
C ARG C 322 4.86 8.00 -21.15
N HIS C 323 5.95 7.74 -21.87
CA HIS C 323 7.29 7.99 -21.37
C HIS C 323 8.12 8.63 -22.48
N ILE C 324 9.04 9.50 -22.07
CA ILE C 324 9.81 10.32 -23.00
C ILE C 324 11.29 10.05 -22.76
N CYS C 325 12.05 9.92 -23.85
CA CYS C 325 13.49 9.81 -23.77
C CYS C 325 14.12 11.19 -23.81
N TYR C 326 15.17 11.39 -23.02
CA TYR C 326 15.84 12.68 -22.89
C TYR C 326 17.31 12.49 -23.24
N PRO C 327 17.67 12.56 -24.52
CA PRO C 327 19.07 12.35 -24.89
C PRO C 327 19.96 13.50 -24.44
N HIS C 328 21.24 13.18 -24.22
CA HIS C 328 22.23 14.16 -23.82
C HIS C 328 23.58 13.76 -24.36
N PHE C 329 24.49 14.73 -24.41
CA PHE C 329 25.89 14.51 -24.72
C PHE C 329 26.72 14.91 -23.51
N THR C 330 27.66 14.05 -23.12
CA THR C 330 28.46 14.29 -21.93
C THR C 330 29.79 13.57 -22.07
N CYS C 331 30.75 13.99 -21.25
CA CYS C 331 32.10 13.44 -21.23
C CYS C 331 32.42 12.98 -19.81
N ALA C 332 33.55 12.28 -19.68
CA ALA C 332 33.98 11.83 -18.36
C ALA C 332 34.31 13.01 -17.45
N VAL C 333 34.65 14.17 -18.01
CA VAL C 333 34.97 15.35 -17.22
C VAL C 333 33.74 16.22 -16.94
N ASP C 334 32.61 15.94 -17.58
CA ASP C 334 31.42 16.76 -17.42
C ASP C 334 30.86 16.57 -16.02
N THR C 335 30.97 17.62 -15.20
CA THR C 335 30.42 17.58 -13.85
C THR C 335 28.92 17.84 -13.81
N GLU C 336 28.36 18.41 -14.87
CA GLU C 336 26.95 18.76 -14.91
C GLU C 336 26.04 17.57 -15.17
N ASN C 337 26.59 16.36 -15.29
CA ASN C 337 25.76 15.19 -15.56
C ASN C 337 24.74 14.97 -14.45
N ALA C 338 25.05 15.40 -13.23
CA ALA C 338 24.10 15.25 -12.12
C ALA C 338 22.92 16.21 -12.28
N ARG C 339 23.19 17.46 -12.68
CA ARG C 339 22.11 18.42 -12.85
C ARG C 339 21.19 18.04 -14.00
N ARG C 340 21.73 17.38 -15.04
CA ARG C 340 20.89 16.94 -16.14
C ARG C 340 19.84 15.96 -15.66
N ILE C 341 20.21 15.07 -14.74
CA ILE C 341 19.24 14.14 -14.17
C ILE C 341 18.24 14.88 -13.30
N PHE C 342 18.70 15.90 -12.57
CA PHE C 342 17.81 16.63 -11.68
C PHE C 342 16.73 17.38 -12.46
N ASN C 343 17.14 18.14 -13.47
CA ASN C 343 16.18 18.86 -14.29
C ASN C 343 15.26 17.89 -15.02
N ASP C 344 15.81 16.78 -15.49
CA ASP C 344 15.02 15.80 -16.23
C ASP C 344 14.00 15.11 -15.33
N CYS C 345 14.33 14.92 -14.06
CA CYS C 345 13.40 14.30 -13.13
C CYS C 345 12.29 15.28 -12.73
N LYS C 346 12.59 16.58 -12.71
CA LYS C 346 11.55 17.57 -12.47
C LYS C 346 10.50 17.52 -13.57
N ASP C 347 10.94 17.39 -14.83
CA ASP C 347 10.00 17.30 -15.94
C ASP C 347 9.32 15.94 -15.98
N ILE C 348 9.99 14.88 -15.54
CA ILE C 348 9.34 13.58 -15.45
C ILE C 348 8.26 13.59 -14.40
N ILE C 349 8.50 14.30 -13.29
CA ILE C 349 7.47 14.45 -12.26
C ILE C 349 6.33 15.31 -12.77
N LEU C 350 6.64 16.40 -13.46
CA LEU C 350 5.60 17.29 -13.97
C LEU C 350 4.68 16.54 -14.94
N GLN C 351 5.24 15.75 -15.85
CA GLN C 351 4.42 14.97 -16.75
C GLN C 351 3.58 13.94 -16.00
N MET C 352 3.96 13.61 -14.77
CA MET C 352 3.15 12.70 -13.96
C MET C 352 2.02 13.43 -13.27
N ASN C 353 2.26 14.67 -12.82
CA ASN C 353 1.20 15.47 -12.24
C ASN C 353 0.17 15.85 -13.31
N LEU C 354 0.63 16.21 -14.50
CA LEU C 354 -0.28 16.55 -15.58
C LEU C 354 -1.20 15.38 -15.92
N ARG C 355 -0.64 14.17 -15.95
CA ARG C 355 -1.44 13.01 -16.31
C ARG C 355 -2.45 12.67 -15.23
N GLU C 356 -2.02 12.68 -13.97
CA GLU C 356 -2.88 12.23 -12.88
C GLU C 356 -3.83 13.30 -12.37
N TYR C 357 -3.65 14.56 -12.77
CA TYR C 357 -4.57 15.63 -12.46
C TYR C 357 -5.43 16.01 -13.66
N ASN C 358 -5.54 15.12 -14.65
CA ASN C 358 -6.44 15.23 -15.79
C ASN C 358 -6.15 16.44 -16.65
N LEU C 359 -5.02 17.12 -16.44
CA LEU C 359 -4.61 18.20 -17.33
C LEU C 359 -4.12 17.66 -18.68
N VAL C 360 -3.91 16.36 -18.80
CA VAL C 360 -3.47 15.75 -20.04
C VAL C 360 -4.37 14.57 -20.38
N GLY D 40 -17.32 -26.58 -10.27
CA GLY D 40 -18.16 -25.57 -9.65
C GLY D 40 -17.45 -24.24 -9.47
N ARG D 41 -18.22 -23.17 -9.42
CA ARG D 41 -17.65 -21.84 -9.25
C ARG D 41 -17.18 -21.63 -7.82
N ILE D 42 -16.19 -20.75 -7.65
CA ILE D 42 -15.59 -20.46 -6.35
C ILE D 42 -15.59 -18.95 -6.16
N GLN D 43 -16.09 -18.49 -5.02
CA GLN D 43 -16.11 -17.08 -4.68
C GLN D 43 -15.55 -16.90 -3.28
N MET D 44 -14.60 -15.97 -3.14
CA MET D 44 -13.91 -15.72 -1.88
C MET D 44 -13.89 -14.23 -1.64
N ARG D 45 -14.03 -13.82 -0.38
CA ARG D 45 -14.54 -12.49 -0.05
C ARG D 45 -13.61 -11.74 0.89
N THR D 46 -12.31 -11.77 0.62
CA THR D 46 -11.34 -10.85 1.21
C THR D 46 -11.64 -10.57 2.69
N ARG D 47 -11.66 -11.65 3.47
CA ARG D 47 -12.06 -11.54 4.87
C ARG D 47 -11.20 -10.56 5.65
N ARG D 48 -9.92 -10.46 5.32
CA ARG D 48 -9.02 -9.52 5.98
C ARG D 48 -8.22 -8.77 4.93
N THR D 49 -7.79 -7.56 5.27
CA THR D 49 -6.90 -6.78 4.44
C THR D 49 -5.72 -6.33 5.30
N LEU D 50 -4.52 -6.74 4.90
CA LEU D 50 -3.30 -6.52 5.67
C LEU D 50 -2.60 -5.30 5.07
N ARG D 51 -2.71 -4.17 5.74
CA ARG D 51 -2.14 -2.91 5.29
C ARG D 51 -0.96 -2.53 6.18
N GLY D 52 0.03 -1.88 5.57
CA GLY D 52 1.23 -1.51 6.29
C GLY D 52 2.49 -1.56 5.44
N HIS D 53 2.45 -2.31 4.35
CA HIS D 53 3.52 -2.26 3.37
C HIS D 53 3.36 -1.00 2.53
N LEU D 54 4.45 -0.25 2.36
CA LEU D 54 4.43 1.01 1.64
C LEU D 54 5.10 0.92 0.27
N ALA D 55 5.33 -0.30 -0.22
CA ALA D 55 5.91 -0.50 -1.54
C ALA D 55 5.35 -1.81 -2.10
N LYS D 56 5.84 -2.18 -3.28
CA LYS D 56 5.36 -3.39 -3.92
C LYS D 56 5.75 -4.61 -3.10
N ILE D 57 4.77 -5.45 -2.77
CA ILE D 57 5.04 -6.72 -2.11
C ILE D 57 5.51 -7.72 -3.15
N TYR D 58 6.47 -8.54 -2.77
CA TYR D 58 7.14 -9.44 -3.71
C TYR D 58 7.08 -10.90 -3.31
N ALA D 59 7.02 -11.20 -2.03
CA ALA D 59 6.94 -12.59 -1.58
C ALA D 59 6.17 -12.64 -0.26
N MET D 60 5.65 -13.83 0.04
CA MET D 60 4.84 -14.02 1.24
C MET D 60 4.82 -15.51 1.53
N HIS D 61 5.07 -15.88 2.79
CA HIS D 61 5.05 -17.27 3.21
C HIS D 61 4.22 -17.41 4.47
N TRP D 62 3.40 -18.47 4.50
CA TRP D 62 2.59 -18.77 5.67
C TRP D 62 3.41 -19.50 6.72
N GLY D 63 3.14 -19.20 7.98
CA GLY D 63 3.68 -20.01 9.05
C GLY D 63 3.06 -21.39 9.05
N THR D 64 3.72 -22.33 9.73
CA THR D 64 3.22 -23.69 9.78
C THR D 64 1.93 -23.80 10.60
N ASP D 65 1.61 -22.81 11.41
CA ASP D 65 0.39 -22.82 12.20
C ASP D 65 -0.79 -22.22 11.47
N SER D 66 -0.60 -21.75 10.24
CA SER D 66 -1.67 -21.20 9.41
C SER D 66 -2.27 -19.93 10.01
N ARG D 67 -1.55 -19.28 10.90
CA ARG D 67 -2.00 -18.03 11.50
C ARG D 67 -0.96 -16.91 11.39
N LEU D 68 0.31 -17.23 11.53
CA LEU D 68 1.38 -16.27 11.35
C LEU D 68 1.75 -16.21 9.88
N LEU D 69 2.21 -15.03 9.44
CA LEU D 69 2.47 -14.81 8.03
C LEU D 69 3.60 -13.79 7.90
N VAL D 70 4.58 -14.12 7.08
CA VAL D 70 5.70 -13.22 6.77
C VAL D 70 5.56 -12.77 5.33
N SER D 71 5.74 -11.48 5.09
CA SER D 71 5.65 -10.91 3.76
C SER D 71 6.83 -9.97 3.54
N ALA D 72 7.28 -9.89 2.30
CA ALA D 72 8.40 -9.05 1.91
C ALA D 72 7.96 -8.08 0.84
N SER D 73 8.53 -6.87 0.88
CA SER D 73 8.24 -5.84 -0.09
C SER D 73 9.51 -5.07 -0.40
N GLN D 74 9.47 -4.30 -1.49
CA GLN D 74 10.60 -3.43 -1.83
C GLN D 74 10.77 -2.29 -0.85
N ASP D 75 9.85 -2.15 0.13
CA ASP D 75 10.03 -1.16 1.17
C ASP D 75 11.27 -1.44 2.01
N GLY D 76 11.74 -2.70 2.02
CA GLY D 76 12.85 -3.08 2.86
C GLY D 76 12.44 -3.61 4.22
N LYS D 77 11.18 -3.96 4.40
CA LYS D 77 10.68 -4.49 5.65
C LYS D 77 10.12 -5.89 5.43
N LEU D 78 10.42 -6.79 6.36
CA LEU D 78 9.88 -8.13 6.37
C LEU D 78 8.95 -8.24 7.57
N ILE D 79 7.65 -8.22 7.33
CA ILE D 79 6.64 -8.05 8.37
C ILE D 79 6.02 -9.39 8.71
N ILE D 80 5.95 -9.70 10.00
CA ILE D 80 5.21 -10.85 10.49
C ILE D 80 3.79 -10.38 10.83
N TRP D 81 2.79 -11.05 10.26
CA TRP D 81 1.41 -10.67 10.42
C TRP D 81 0.67 -11.70 11.27
N ASP D 82 -0.20 -11.21 12.14
CA ASP D 82 -1.20 -12.05 12.79
C ASP D 82 -2.41 -12.05 11.86
N SER D 83 -2.57 -13.14 11.10
CA SER D 83 -3.64 -13.20 10.12
C SER D 83 -5.01 -13.06 10.78
N TYR D 84 -5.18 -13.71 11.95
CA TYR D 84 -6.49 -13.74 12.59
C TYR D 84 -6.94 -12.34 13.00
N THR D 85 -6.02 -11.53 13.55
CA THR D 85 -6.37 -10.22 14.07
C THR D 85 -5.72 -9.09 13.28
N THR D 86 -5.05 -9.38 12.18
CA THR D 86 -4.37 -8.38 11.36
C THR D 86 -3.32 -7.61 12.14
N ASN D 87 -2.89 -8.12 13.28
CA ASN D 87 -1.84 -7.48 14.05
C ASN D 87 -0.48 -7.78 13.43
N LYS D 88 0.47 -6.88 13.67
CA LYS D 88 1.84 -7.06 13.21
C LYS D 88 2.68 -7.52 14.41
N VAL D 89 3.19 -8.76 14.32
CA VAL D 89 3.96 -9.32 15.42
C VAL D 89 5.36 -8.74 15.45
N HIS D 90 6.05 -8.79 14.31
CA HIS D 90 7.38 -8.21 14.17
C HIS D 90 7.45 -7.43 12.87
N ALA D 91 8.29 -6.40 12.86
CA ALA D 91 8.66 -5.68 11.65
C ALA D 91 10.18 -5.71 11.55
N ILE D 92 10.69 -6.44 10.55
CA ILE D 92 12.11 -6.76 10.46
C ILE D 92 12.72 -5.87 9.39
N PRO D 93 13.61 -4.93 9.73
CA PRO D 93 14.28 -4.12 8.70
C PRO D 93 15.31 -4.94 7.95
N LEU D 94 15.16 -5.00 6.63
CA LEU D 94 16.09 -5.73 5.78
C LEU D 94 17.26 -4.84 5.39
N ARG D 95 18.46 -5.44 5.33
CA ARG D 95 19.64 -4.70 4.92
C ARG D 95 19.53 -4.22 3.48
N SER D 96 19.01 -5.07 2.60
CA SER D 96 18.79 -4.74 1.20
C SER D 96 17.31 -4.72 0.91
N SER D 97 16.83 -3.62 0.33
CA SER D 97 15.41 -3.47 0.05
C SER D 97 14.96 -4.19 -1.21
N TRP D 98 15.89 -4.69 -2.02
CA TRP D 98 15.53 -5.38 -3.26
C TRP D 98 15.30 -6.85 -3.02
N VAL D 99 14.39 -7.15 -2.09
CA VAL D 99 14.09 -8.52 -1.71
C VAL D 99 13.11 -9.12 -2.71
N MET D 100 13.34 -10.38 -3.07
CA MET D 100 12.48 -11.10 -4.00
C MET D 100 11.79 -12.30 -3.39
N THR D 101 12.23 -12.78 -2.23
CA THR D 101 11.68 -13.99 -1.65
C THR D 101 11.71 -13.89 -0.13
N CYS D 102 10.73 -14.55 0.49
CA CYS D 102 10.66 -14.67 1.93
C CYS D 102 10.33 -16.11 2.28
N ALA D 103 10.80 -16.57 3.44
CA ALA D 103 10.50 -17.91 3.91
C ALA D 103 10.16 -17.89 5.39
N TYR D 104 9.44 -18.90 5.82
CA TYR D 104 9.08 -19.11 7.21
C TYR D 104 9.62 -20.47 7.64
N ALA D 105 10.44 -20.49 8.68
CA ALA D 105 10.97 -21.76 9.16
C ALA D 105 9.82 -22.65 9.61
N PRO D 106 9.82 -23.94 9.26
CA PRO D 106 8.70 -24.80 9.67
C PRO D 106 8.51 -24.84 11.17
N SER D 107 9.57 -24.67 11.95
CA SER D 107 9.45 -24.55 13.39
C SER D 107 8.94 -23.18 13.83
N GLY D 108 9.02 -22.18 12.94
CA GLY D 108 8.63 -20.83 13.29
C GLY D 108 9.72 -20.03 13.98
N ASN D 109 10.89 -20.60 14.20
CA ASN D 109 11.95 -19.89 14.91
C ASN D 109 12.64 -18.86 14.03
N TYR D 110 12.71 -19.11 12.72
CA TYR D 110 13.50 -18.28 11.81
C TYR D 110 12.70 -17.94 10.57
N VAL D 111 13.06 -16.82 9.95
CA VAL D 111 12.58 -16.45 8.62
C VAL D 111 13.81 -16.11 7.78
N ALA D 112 13.64 -16.19 6.46
CA ALA D 112 14.70 -15.90 5.51
C ALA D 112 14.24 -14.86 4.50
N CYS D 113 15.19 -14.10 3.99
CA CYS D 113 14.94 -13.09 2.96
C CYS D 113 16.09 -13.09 1.97
N GLY D 114 15.77 -12.92 0.70
CA GLY D 114 16.78 -12.88 -0.35
C GLY D 114 16.30 -12.11 -1.54
N GLY D 115 17.27 -11.60 -2.30
CA GLY D 115 16.96 -10.81 -3.48
C GLY D 115 18.20 -10.40 -4.26
N LEU D 116 18.25 -9.14 -4.68
CA LEU D 116 19.35 -8.66 -5.50
C LEU D 116 20.65 -8.57 -4.74
N ASP D 117 20.63 -8.64 -3.41
CA ASP D 117 21.87 -8.58 -2.64
C ASP D 117 22.68 -9.87 -2.72
N ASN D 118 22.19 -10.87 -3.45
CA ASN D 118 22.91 -12.12 -3.71
C ASN D 118 23.09 -12.95 -2.44
N ILE D 119 22.37 -12.63 -1.37
CA ILE D 119 22.56 -13.25 -0.06
C ILE D 119 21.21 -13.66 0.50
N CYS D 120 21.15 -14.85 1.08
CA CYS D 120 19.96 -15.32 1.79
C CYS D 120 20.20 -15.12 3.29
N SER D 121 19.58 -14.08 3.85
CA SER D 121 19.74 -13.78 5.26
C SER D 121 18.76 -14.60 6.09
N ILE D 122 19.22 -15.03 7.27
CA ILE D 122 18.40 -15.78 8.22
C ILE D 122 18.22 -14.93 9.46
N TYR D 123 16.98 -14.82 9.94
CA TYR D 123 16.63 -14.02 11.10
C TYR D 123 16.12 -14.92 12.21
N ASN D 124 16.46 -14.58 13.45
CA ASN D 124 16.03 -15.34 14.62
C ASN D 124 14.86 -14.62 15.28
N LEU D 125 13.71 -15.29 15.35
CA LEU D 125 12.50 -14.70 15.89
C LEU D 125 12.32 -14.97 17.38
N LYS D 126 13.12 -15.84 17.97
CA LYS D 126 12.97 -16.25 19.36
C LYS D 126 14.17 -15.82 20.19
N THR D 127 14.68 -14.63 19.90
CA THR D 127 15.84 -14.11 20.62
C THR D 127 15.48 -13.77 22.05
N ARG D 128 16.37 -14.17 22.97
CA ARG D 128 16.12 -13.92 24.39
C ARG D 128 16.06 -12.42 24.68
N GLU D 129 16.77 -11.61 23.89
CA GLU D 129 16.79 -10.17 24.09
C GLU D 129 15.49 -9.50 23.66
N GLY D 130 14.59 -10.21 22.98
CA GLY D 130 13.30 -9.69 22.62
C GLY D 130 13.20 -9.06 21.25
N ASN D 131 14.33 -8.77 20.60
CA ASN D 131 14.35 -8.21 19.26
C ASN D 131 14.66 -9.31 18.25
N VAL D 132 14.45 -8.99 16.97
CA VAL D 132 14.76 -9.90 15.88
C VAL D 132 16.11 -9.51 15.30
N ARG D 133 17.01 -10.48 15.17
CA ARG D 133 18.37 -10.21 14.70
C ARG D 133 18.77 -11.30 13.73
N VAL D 134 19.72 -10.96 12.85
CA VAL D 134 20.20 -11.89 11.84
C VAL D 134 21.03 -12.97 12.50
N SER D 135 20.76 -14.23 12.14
CA SER D 135 21.55 -15.34 12.64
C SER D 135 22.69 -15.72 11.69
N ARG D 136 22.45 -15.64 10.39
CA ARG D 136 23.48 -15.98 9.41
C ARG D 136 23.14 -15.32 8.08
N GLU D 137 24.17 -15.11 7.27
CA GLU D 137 24.03 -14.59 5.90
C GLU D 137 24.68 -15.58 4.96
N LEU D 138 23.89 -16.12 4.03
CA LEU D 138 24.34 -17.20 3.15
C LEU D 138 24.83 -16.62 1.83
N ALA D 139 26.03 -16.06 1.86
CA ALA D 139 26.69 -15.59 0.65
C ALA D 139 27.33 -16.76 -0.09
N GLY D 140 27.39 -16.63 -1.42
CA GLY D 140 27.94 -17.68 -2.25
C GLY D 140 27.26 -17.83 -3.59
N HIS D 141 26.08 -17.23 -3.74
CA HIS D 141 25.40 -17.22 -5.03
C HIS D 141 25.93 -16.09 -5.90
N THR D 142 26.17 -16.40 -7.18
CA THR D 142 26.69 -15.43 -8.12
C THR D 142 25.61 -14.56 -8.74
N GLY D 143 24.32 -14.92 -8.58
CA GLY D 143 23.24 -14.12 -9.09
C GLY D 143 22.23 -13.85 -7.98
N TYR D 144 21.24 -13.02 -8.31
CA TYR D 144 20.20 -12.69 -7.36
C TYR D 144 19.45 -13.95 -6.95
N LEU D 145 18.98 -13.97 -5.71
CA LEU D 145 18.18 -15.08 -5.21
C LEU D 145 16.70 -14.81 -5.48
N SER D 146 16.03 -15.78 -6.09
CA SER D 146 14.61 -15.64 -6.42
C SER D 146 13.70 -16.45 -5.49
N CYS D 147 14.21 -17.47 -4.81
CA CYS D 147 13.39 -18.24 -3.89
C CYS D 147 14.26 -18.85 -2.81
N CYS D 148 13.73 -18.91 -1.59
CA CYS D 148 14.37 -19.52 -0.45
C CYS D 148 13.34 -20.34 0.31
N ARG D 149 13.74 -21.53 0.76
CA ARG D 149 12.80 -22.41 1.47
C ARG D 149 13.57 -23.24 2.48
N PHE D 150 13.20 -23.11 3.75
CA PHE D 150 13.79 -23.93 4.80
C PHE D 150 13.32 -25.37 4.65
N LEU D 151 14.26 -26.30 4.58
CA LEU D 151 13.91 -27.71 4.80
C LEU D 151 13.68 -27.97 6.29
N ASP D 152 14.51 -27.38 7.13
CA ASP D 152 14.39 -27.42 8.58
C ASP D 152 15.38 -26.40 9.13
N ASP D 153 15.55 -26.38 10.44
CA ASP D 153 16.62 -25.56 11.01
C ASP D 153 17.98 -26.11 10.58
N ASN D 154 18.90 -25.21 10.30
CA ASN D 154 20.25 -25.55 9.84
C ASN D 154 20.25 -26.24 8.48
N GLN D 155 19.22 -26.00 7.67
CA GLN D 155 19.22 -26.50 6.29
C GLN D 155 18.21 -25.70 5.48
N ILE D 156 18.69 -24.93 4.51
CA ILE D 156 17.84 -24.12 3.65
C ILE D 156 18.33 -24.28 2.23
N VAL D 157 17.39 -24.35 1.28
CA VAL D 157 17.70 -24.46 -0.14
C VAL D 157 17.26 -23.17 -0.82
N THR D 158 18.15 -22.60 -1.63
CA THR D 158 17.90 -21.33 -2.30
C THR D 158 18.15 -21.47 -3.79
N SER D 159 17.43 -20.67 -4.57
CA SER D 159 17.58 -20.60 -6.01
C SER D 159 18.02 -19.20 -6.39
N SER D 160 18.75 -19.08 -7.49
CA SER D 160 19.35 -17.81 -7.86
C SER D 160 19.29 -17.64 -9.37
N GLY D 161 19.53 -16.40 -9.80
CA GLY D 161 19.59 -16.09 -11.22
C GLY D 161 20.86 -16.51 -11.92
N ASP D 162 21.83 -17.03 -11.18
CA ASP D 162 23.04 -17.56 -11.77
C ASP D 162 22.86 -18.96 -12.34
N THR D 163 21.61 -19.41 -12.48
CA THR D 163 21.26 -20.67 -13.11
C THR D 163 21.59 -21.88 -12.25
N THR D 164 21.78 -21.71 -10.95
CA THR D 164 22.02 -22.83 -10.06
C THR D 164 21.32 -22.62 -8.73
N CYS D 165 20.95 -23.73 -8.10
CA CYS D 165 20.43 -23.74 -6.73
C CYS D 165 21.48 -24.34 -5.80
N ALA D 166 21.38 -23.99 -4.52
CA ALA D 166 22.36 -24.40 -3.54
C ALA D 166 21.66 -24.77 -2.23
N LEU D 167 22.07 -25.89 -1.65
CA LEU D 167 21.54 -26.35 -0.37
C LEU D 167 22.59 -26.08 0.71
N TRP D 168 22.24 -25.24 1.68
CA TRP D 168 23.17 -24.74 2.67
C TRP D 168 22.93 -25.39 4.01
N ASP D 169 23.85 -25.12 4.94
CA ASP D 169 23.61 -25.25 6.36
C ASP D 169 23.84 -23.90 7.01
N ILE D 170 22.93 -23.50 7.91
CA ILE D 170 23.02 -22.17 8.48
C ILE D 170 23.98 -22.12 9.66
N GLU D 171 24.34 -23.28 10.24
CA GLU D 171 25.27 -23.28 11.36
C GLU D 171 26.62 -22.70 10.95
N THR D 172 27.13 -23.11 9.78
CA THR D 172 28.40 -22.59 9.28
C THR D 172 28.25 -21.70 8.05
N GLY D 173 27.15 -21.82 7.31
CA GLY D 173 26.95 -20.99 6.14
C GLY D 173 27.72 -21.44 4.92
N GLN D 174 27.81 -22.75 4.70
CA GLN D 174 28.54 -23.31 3.57
C GLN D 174 27.60 -24.15 2.71
N GLN D 175 27.72 -24.00 1.40
CA GLN D 175 26.88 -24.77 0.48
C GLN D 175 27.26 -26.24 0.57
N THR D 176 26.39 -27.06 1.17
CA THR D 176 26.64 -28.49 1.20
C THR D 176 26.49 -29.12 -0.19
N THR D 177 25.61 -28.55 -1.01
CA THR D 177 25.39 -29.07 -2.36
C THR D 177 25.08 -27.92 -3.30
N THR D 178 25.38 -28.13 -4.58
CA THR D 178 25.01 -27.20 -5.63
C THR D 178 24.31 -27.97 -6.74
N PHE D 179 23.38 -27.30 -7.41
CA PHE D 179 22.43 -27.95 -8.31
C PHE D 179 22.47 -27.31 -9.68
N THR D 180 23.67 -27.16 -10.23
CA THR D 180 23.82 -26.62 -11.58
C THR D 180 23.15 -27.52 -12.60
N GLY D 181 22.80 -26.93 -13.74
CA GLY D 181 22.09 -27.67 -14.77
C GLY D 181 21.08 -26.82 -15.52
N HIS D 182 20.83 -25.61 -15.04
CA HIS D 182 19.95 -24.67 -15.73
C HIS D 182 20.77 -23.76 -16.65
N THR D 183 20.15 -23.39 -17.78
CA THR D 183 20.75 -22.46 -18.72
C THR D 183 20.18 -21.06 -18.59
N GLY D 184 19.30 -20.82 -17.62
CA GLY D 184 18.73 -19.51 -17.41
C GLY D 184 18.51 -19.27 -15.93
N ASP D 185 18.10 -18.05 -15.61
CA ASP D 185 17.86 -17.70 -14.21
C ASP D 185 16.76 -18.57 -13.63
N VAL D 186 17.02 -19.12 -12.44
CA VAL D 186 16.03 -19.91 -11.73
C VAL D 186 15.09 -18.97 -10.98
N MET D 187 13.80 -19.27 -11.02
CA MET D 187 12.78 -18.33 -10.54
C MET D 187 12.03 -18.77 -9.30
N SER D 188 11.85 -20.08 -9.07
CA SER D 188 11.02 -20.53 -7.98
C SER D 188 11.50 -21.88 -7.45
N LEU D 189 11.05 -22.20 -6.25
CA LEU D 189 11.35 -23.47 -5.61
C LEU D 189 10.09 -24.02 -4.96
N SER D 190 10.01 -25.35 -4.89
CA SER D 190 8.90 -26.01 -4.21
C SER D 190 9.43 -27.29 -3.59
N LEU D 191 9.39 -27.39 -2.27
CA LEU D 191 9.89 -28.55 -1.56
C LEU D 191 8.77 -29.57 -1.39
N ALA D 192 9.11 -30.84 -1.57
CA ALA D 192 8.13 -31.89 -1.46
C ALA D 192 7.61 -31.99 -0.04
N PRO D 193 6.41 -32.54 0.16
CA PRO D 193 5.91 -32.70 1.54
C PRO D 193 6.86 -33.49 2.42
N ASP D 194 7.58 -34.46 1.87
CA ASP D 194 8.60 -35.18 2.61
C ASP D 194 9.95 -34.49 2.60
N THR D 195 10.06 -33.35 1.90
CA THR D 195 11.30 -32.59 1.79
C THR D 195 12.46 -33.45 1.29
N ARG D 196 12.15 -34.56 0.62
CA ARG D 196 13.18 -35.41 0.03
C ARG D 196 13.58 -34.95 -1.37
N LEU D 197 12.77 -34.09 -2.00
CA LEU D 197 13.05 -33.58 -3.33
C LEU D 197 12.50 -32.17 -3.41
N PHE D 198 13.05 -31.39 -4.33
CA PHE D 198 12.55 -30.04 -4.60
C PHE D 198 12.64 -29.77 -6.10
N VAL D 199 11.76 -28.90 -6.57
CA VAL D 199 11.61 -28.60 -7.99
C VAL D 199 11.81 -27.10 -8.21
N SER D 200 12.53 -26.76 -9.26
CA SER D 200 12.85 -25.38 -9.58
C SER D 200 12.54 -25.11 -11.05
N GLY D 201 12.11 -23.89 -11.32
CA GLY D 201 11.84 -23.45 -12.68
C GLY D 201 12.75 -22.29 -13.04
N ALA D 202 13.16 -22.24 -14.30
CA ALA D 202 14.12 -21.26 -14.77
C ALA D 202 13.58 -20.56 -16.01
N CYS D 203 14.25 -19.46 -16.38
CA CYS D 203 13.83 -18.70 -17.54
C CYS D 203 13.96 -19.48 -18.83
N ASP D 204 14.69 -20.60 -18.82
CA ASP D 204 14.83 -21.43 -20.01
C ASP D 204 13.58 -22.25 -20.32
N ALA D 205 12.46 -21.97 -19.66
CA ALA D 205 11.20 -22.67 -19.89
C ALA D 205 11.31 -24.16 -19.55
N SER D 206 12.13 -24.48 -18.55
CA SER D 206 12.31 -25.86 -18.12
C SER D 206 12.25 -25.93 -16.60
N ALA D 207 11.72 -27.04 -16.09
CA ALA D 207 11.62 -27.29 -14.67
C ALA D 207 12.37 -28.58 -14.35
N LYS D 208 13.23 -28.53 -13.34
CA LYS D 208 14.09 -29.66 -12.99
C LYS D 208 13.82 -30.09 -11.56
N LEU D 209 13.55 -31.38 -11.38
CA LEU D 209 13.48 -31.97 -10.05
C LEU D 209 14.88 -32.39 -9.63
N TRP D 210 15.18 -32.23 -8.34
CA TRP D 210 16.52 -32.45 -7.82
C TRP D 210 16.48 -33.42 -6.65
N ASP D 211 17.48 -34.31 -6.60
CA ASP D 211 17.68 -35.16 -5.44
C ASP D 211 18.38 -34.35 -4.37
N VAL D 212 17.69 -34.11 -3.24
CA VAL D 212 18.23 -33.26 -2.20
C VAL D 212 19.51 -33.87 -1.63
N ARG D 213 19.50 -35.16 -1.37
CA ARG D 213 20.58 -35.83 -0.68
C ARG D 213 21.67 -36.37 -1.61
N GLU D 214 21.52 -36.21 -2.93
CA GLU D 214 22.54 -36.72 -3.83
C GLU D 214 23.04 -35.66 -4.80
N GLY D 215 22.20 -34.68 -5.12
CA GLY D 215 22.67 -33.47 -5.78
C GLY D 215 22.49 -33.40 -7.28
N MET D 216 22.13 -34.50 -7.94
CA MET D 216 21.96 -34.48 -9.39
C MET D 216 20.49 -34.30 -9.75
N CYS D 217 20.25 -33.74 -10.92
CA CYS D 217 18.89 -33.63 -11.43
C CYS D 217 18.34 -35.02 -11.76
N ARG D 218 17.09 -35.24 -11.41
CA ARG D 218 16.44 -36.53 -11.62
C ARG D 218 15.35 -36.50 -12.67
N GLN D 219 14.88 -35.32 -13.09
CA GLN D 219 13.82 -35.23 -14.08
C GLN D 219 13.94 -33.91 -14.82
N THR D 220 13.60 -33.95 -16.11
CA THR D 220 13.60 -32.77 -16.96
C THR D 220 12.19 -32.55 -17.47
N PHE D 221 11.66 -31.35 -17.25
CA PHE D 221 10.33 -30.98 -17.70
C PHE D 221 10.43 -29.70 -18.53
N THR D 222 9.71 -29.69 -19.65
CA THR D 222 9.74 -28.56 -20.56
C THR D 222 8.43 -28.53 -21.35
N GLY D 223 8.23 -27.44 -22.07
CA GLY D 223 7.00 -27.26 -22.83
C GLY D 223 6.56 -25.81 -22.83
N HIS D 224 7.05 -25.03 -21.87
CA HIS D 224 6.70 -23.63 -21.81
C HIS D 224 7.38 -22.87 -22.95
N GLU D 225 6.68 -21.86 -23.46
CA GLU D 225 7.17 -21.06 -24.57
C GLU D 225 7.91 -19.81 -24.10
N SER D 226 8.08 -19.64 -22.80
CA SER D 226 8.79 -18.48 -22.25
C SER D 226 9.20 -18.80 -20.82
N ASP D 227 9.63 -17.78 -20.10
CA ASP D 227 10.19 -17.97 -18.77
C ASP D 227 9.17 -18.62 -17.84
N ILE D 228 9.64 -19.59 -17.05
CA ILE D 228 8.86 -20.12 -15.94
C ILE D 228 9.07 -19.20 -14.73
N ASN D 229 7.98 -18.73 -14.14
CA ASN D 229 8.04 -17.67 -13.14
C ASN D 229 7.59 -18.10 -11.76
N ALA D 230 6.88 -19.22 -11.64
CA ALA D 230 6.43 -19.68 -10.33
C ALA D 230 6.21 -21.18 -10.38
N ILE D 231 6.61 -21.86 -9.30
CA ILE D 231 6.50 -23.30 -9.19
C ILE D 231 5.97 -23.64 -7.80
N CYS D 232 5.12 -24.66 -7.72
CA CYS D 232 4.58 -25.13 -6.46
C CYS D 232 4.32 -26.62 -6.57
N PHE D 233 4.18 -27.27 -5.42
CA PHE D 233 3.98 -28.71 -5.36
C PHE D 233 2.51 -29.04 -5.11
N PHE D 234 1.99 -29.98 -5.89
CA PHE D 234 0.72 -30.61 -5.56
C PHE D 234 0.86 -31.35 -4.23
N PRO D 235 -0.13 -31.29 -3.35
CA PRO D 235 0.08 -31.82 -1.99
C PRO D 235 0.51 -33.27 -1.95
N ASN D 236 0.20 -34.06 -2.97
CA ASN D 236 0.66 -35.45 -2.99
C ASN D 236 2.17 -35.53 -3.03
N GLY D 237 2.84 -34.52 -3.60
CA GLY D 237 4.28 -34.51 -3.71
C GLY D 237 4.83 -35.18 -4.95
N ASN D 238 3.98 -35.81 -5.76
CA ASN D 238 4.40 -36.45 -7.00
C ASN D 238 4.09 -35.60 -8.23
N ALA D 239 3.71 -34.33 -8.03
CA ALA D 239 3.41 -33.45 -9.13
C ALA D 239 3.71 -32.02 -8.72
N PHE D 240 3.81 -31.14 -9.72
CA PHE D 240 4.04 -29.73 -9.47
C PHE D 240 3.47 -28.92 -10.62
N ALA D 241 3.10 -27.68 -10.33
CA ALA D 241 2.47 -26.78 -11.29
C ALA D 241 3.41 -25.63 -11.61
N THR D 242 3.56 -25.32 -12.89
CA THR D 242 4.48 -24.30 -13.37
C THR D 242 3.69 -23.09 -13.87
N GLY D 243 4.15 -21.90 -13.50
CA GLY D 243 3.54 -20.67 -13.98
C GLY D 243 4.55 -19.80 -14.69
N SER D 244 4.37 -19.61 -15.99
CA SER D 244 5.37 -18.99 -16.86
C SER D 244 4.86 -17.66 -17.40
N ASP D 245 5.79 -16.90 -17.98
CA ASP D 245 5.46 -15.62 -18.59
C ASP D 245 4.75 -15.76 -19.93
N ASP D 246 4.64 -16.97 -20.47
CA ASP D 246 3.87 -17.19 -21.68
C ASP D 246 2.37 -17.27 -21.41
N ALA D 247 1.93 -16.84 -20.22
CA ALA D 247 0.51 -16.68 -19.90
C ALA D 247 -0.21 -18.03 -19.87
N THR D 248 0.41 -19.03 -19.26
CA THR D 248 -0.23 -20.31 -19.08
C THR D 248 0.42 -21.04 -17.92
N CYS D 249 -0.40 -21.80 -17.20
CA CYS D 249 0.07 -22.74 -16.19
C CYS D 249 -0.02 -24.16 -16.75
N ARG D 250 0.80 -25.04 -16.22
CA ARG D 250 0.85 -26.41 -16.71
C ARG D 250 1.25 -27.34 -15.57
N LEU D 251 0.74 -28.55 -15.62
CA LEU D 251 0.90 -29.53 -14.55
C LEU D 251 1.81 -30.64 -15.06
N PHE D 252 2.90 -30.89 -14.34
CA PHE D 252 3.87 -31.91 -14.69
C PHE D 252 3.85 -33.00 -13.62
N ASP D 253 3.71 -34.24 -14.06
CA ASP D 253 3.76 -35.39 -13.16
C ASP D 253 5.12 -36.05 -13.27
N LEU D 254 5.78 -36.25 -12.13
CA LEU D 254 7.15 -36.74 -12.14
C LEU D 254 7.24 -38.12 -12.79
N ARG D 255 6.16 -38.90 -12.76
CA ARG D 255 6.18 -40.25 -13.32
C ARG D 255 6.04 -40.27 -14.83
N ALA D 256 5.60 -39.18 -15.45
CA ALA D 256 5.39 -39.15 -16.89
C ALA D 256 6.11 -37.98 -17.54
N ASP D 257 6.22 -36.86 -16.83
CA ASP D 257 6.84 -35.65 -17.35
C ASP D 257 6.11 -35.12 -18.58
N GLN D 258 4.89 -35.57 -18.80
CA GLN D 258 4.11 -35.14 -19.95
C GLN D 258 3.22 -33.96 -19.57
N GLU D 259 2.53 -33.41 -20.56
CA GLU D 259 1.61 -32.29 -20.36
C GLU D 259 0.30 -32.84 -19.82
N LEU D 260 0.20 -32.95 -18.49
CA LEU D 260 -1.00 -33.50 -17.88
C LEU D 260 -2.19 -32.59 -18.12
N MET D 261 -2.04 -31.29 -17.84
CA MET D 261 -3.12 -30.34 -18.05
C MET D 261 -2.51 -28.99 -18.41
N THR D 262 -3.27 -28.19 -19.15
CA THR D 262 -2.86 -26.85 -19.57
C THR D 262 -3.93 -25.87 -19.14
N TYR D 263 -3.55 -24.90 -18.31
CA TYR D 263 -4.47 -23.90 -17.77
C TYR D 263 -4.21 -22.59 -18.50
N SER D 264 -5.07 -22.26 -19.46
CA SER D 264 -4.97 -21.02 -20.22
C SER D 264 -6.30 -20.75 -20.90
N HIS D 265 -6.46 -19.53 -21.37
CA HIS D 265 -7.64 -19.14 -22.13
C HIS D 265 -7.27 -18.03 -23.09
N ASP D 266 -8.10 -17.87 -24.13
CA ASP D 266 -7.79 -16.88 -25.16
C ASP D 266 -7.86 -15.45 -24.61
N ASN D 267 -8.72 -15.21 -23.62
CA ASN D 267 -8.89 -13.86 -23.08
C ASN D 267 -7.87 -13.50 -22.03
N ILE D 268 -7.00 -14.42 -21.63
CA ILE D 268 -5.93 -14.16 -20.67
C ILE D 268 -4.62 -14.24 -21.44
N ILE D 269 -3.93 -13.11 -21.57
CA ILE D 269 -2.75 -13.01 -22.42
C ILE D 269 -1.58 -12.42 -21.64
N CYS D 270 -1.57 -12.65 -20.33
CA CYS D 270 -0.51 -12.15 -19.46
C CYS D 270 0.02 -13.31 -18.63
N GLY D 271 1.27 -13.17 -18.20
CA GLY D 271 1.96 -14.24 -17.50
C GLY D 271 1.43 -14.46 -16.09
N ILE D 272 1.97 -15.49 -15.45
CA ILE D 272 1.65 -15.84 -14.07
C ILE D 272 2.83 -15.46 -13.20
N THR D 273 2.56 -14.77 -12.11
CA THR D 273 3.61 -14.33 -11.18
C THR D 273 3.78 -15.27 -9.99
N SER D 274 2.71 -15.90 -9.52
CA SER D 274 2.78 -16.83 -8.42
C SER D 274 1.77 -17.96 -8.65
N VAL D 275 2.09 -19.14 -8.14
CA VAL D 275 1.21 -20.30 -8.24
C VAL D 275 1.18 -21.00 -6.89
N SER D 276 -0.02 -21.40 -6.46
CA SER D 276 -0.21 -22.11 -5.20
C SER D 276 -1.32 -23.13 -5.36
N PHE D 277 -1.32 -24.13 -4.50
CA PHE D 277 -2.33 -25.19 -4.47
C PHE D 277 -3.12 -25.13 -3.17
N SER D 278 -4.40 -25.48 -3.26
CA SER D 278 -5.20 -25.67 -2.06
C SER D 278 -4.87 -27.01 -1.40
N LYS D 279 -5.28 -27.14 -0.14
CA LYS D 279 -4.98 -28.36 0.60
C LYS D 279 -5.52 -29.60 -0.12
N SER D 280 -6.66 -29.48 -0.80
CA SER D 280 -7.23 -30.62 -1.50
C SER D 280 -6.39 -31.00 -2.72
N GLY D 281 -5.83 -30.00 -3.41
CA GLY D 281 -5.20 -30.22 -4.69
C GLY D 281 -6.13 -30.10 -5.87
N ARG D 282 -7.44 -30.09 -5.64
CA ARG D 282 -8.39 -29.87 -6.73
C ARG D 282 -8.48 -28.41 -7.14
N LEU D 283 -8.02 -27.49 -6.30
CA LEU D 283 -8.10 -26.07 -6.57
C LEU D 283 -6.70 -25.51 -6.77
N LEU D 284 -6.50 -24.82 -7.89
CA LEU D 284 -5.21 -24.26 -8.26
C LEU D 284 -5.36 -22.75 -8.39
N LEU D 285 -4.50 -22.00 -7.70
CA LEU D 285 -4.56 -20.55 -7.69
C LEU D 285 -3.29 -19.98 -8.30
N ALA D 286 -3.45 -18.88 -9.03
CA ALA D 286 -2.34 -18.29 -9.77
C ALA D 286 -2.50 -16.78 -9.83
N GLY D 287 -1.43 -16.06 -9.55
CA GLY D 287 -1.47 -14.62 -9.54
C GLY D 287 -0.95 -14.01 -10.83
N TYR D 288 -1.85 -13.49 -11.65
CA TYR D 288 -1.50 -12.94 -12.96
C TYR D 288 -1.09 -11.48 -12.85
N ASP D 289 -0.57 -10.95 -13.95
CA ASP D 289 -0.21 -9.55 -14.03
C ASP D 289 -1.37 -8.66 -14.44
N ASP D 290 -2.53 -9.24 -14.77
CA ASP D 290 -3.73 -8.45 -15.04
C ASP D 290 -4.38 -7.91 -13.76
N PHE D 291 -3.67 -7.98 -12.63
CA PHE D 291 -4.04 -7.41 -11.35
C PHE D 291 -5.02 -8.28 -10.57
N ASN D 292 -5.28 -9.51 -11.01
CA ASN D 292 -6.25 -10.35 -10.32
C ASN D 292 -5.81 -11.81 -10.39
N CYS D 293 -5.89 -12.50 -9.25
CA CYS D 293 -5.61 -13.93 -9.22
C CYS D 293 -6.77 -14.68 -9.85
N ASN D 294 -6.45 -15.83 -10.44
CA ASN D 294 -7.46 -16.72 -11.01
C ASN D 294 -7.39 -18.07 -10.33
N VAL D 295 -8.54 -18.57 -9.90
CA VAL D 295 -8.65 -19.90 -9.33
C VAL D 295 -8.95 -20.87 -10.46
N TRP D 296 -8.20 -21.96 -10.53
CA TRP D 296 -8.31 -22.93 -11.61
C TRP D 296 -8.59 -24.31 -11.04
N ASP D 297 -9.55 -25.01 -11.64
CA ASP D 297 -9.80 -26.39 -11.30
C ASP D 297 -8.65 -27.25 -11.83
N ALA D 298 -7.86 -27.81 -10.91
CA ALA D 298 -6.64 -28.50 -11.33
C ALA D 298 -6.94 -29.70 -12.21
N LEU D 299 -8.13 -30.31 -12.08
CA LEU D 299 -8.48 -31.49 -12.86
C LEU D 299 -9.33 -31.16 -14.09
N LYS D 300 -10.25 -30.21 -13.97
CA LYS D 300 -11.06 -29.80 -15.11
C LYS D 300 -10.35 -28.81 -16.02
N ALA D 301 -9.24 -28.23 -15.58
CA ALA D 301 -8.42 -27.31 -16.36
C ALA D 301 -9.17 -26.04 -16.76
N ASP D 302 -10.33 -25.78 -16.17
CA ASP D 302 -11.14 -24.62 -16.48
C ASP D 302 -11.14 -23.66 -15.29
N ARG D 303 -11.04 -22.37 -15.57
CA ARG D 303 -11.06 -21.38 -14.50
C ARG D 303 -12.40 -21.42 -13.79
N ALA D 304 -12.36 -21.27 -12.46
CA ALA D 304 -13.56 -21.35 -11.64
C ALA D 304 -13.70 -20.21 -10.64
N GLY D 305 -12.79 -19.23 -10.66
CA GLY D 305 -12.91 -18.12 -9.73
C GLY D 305 -11.93 -17.03 -10.09
N VAL D 306 -12.12 -15.89 -9.43
CA VAL D 306 -11.23 -14.74 -9.59
C VAL D 306 -11.17 -14.00 -8.26
N LEU D 307 -9.98 -13.51 -7.91
CA LEU D 307 -9.77 -12.81 -6.65
C LEU D 307 -9.39 -11.36 -6.93
N ALA D 308 -10.13 -10.71 -7.82
CA ALA D 308 -9.81 -9.34 -8.22
C ALA D 308 -10.08 -8.41 -7.04
N GLY D 309 -9.03 -8.04 -6.32
CA GLY D 309 -9.15 -7.08 -5.25
C GLY D 309 -7.94 -6.18 -5.15
N HIS D 310 -7.05 -6.28 -6.12
CA HIS D 310 -5.80 -5.53 -6.14
C HIS D 310 -5.77 -4.59 -7.32
N ASP D 311 -5.13 -3.44 -7.14
CA ASP D 311 -5.01 -2.43 -8.18
C ASP D 311 -3.75 -2.59 -9.01
N ASN D 312 -2.94 -3.60 -8.74
CA ASN D 312 -1.65 -3.75 -9.42
C ASN D 312 -1.33 -5.24 -9.55
N ARG D 313 -0.15 -5.51 -10.11
CA ARG D 313 0.26 -6.89 -10.40
C ARG D 313 0.27 -7.73 -9.12
N VAL D 314 -0.43 -8.86 -9.17
CA VAL D 314 -0.33 -9.85 -8.10
C VAL D 314 1.02 -10.53 -8.20
N SER D 315 1.81 -10.46 -7.13
CA SER D 315 3.16 -11.01 -7.12
C SER D 315 3.26 -12.32 -6.35
N CYS D 316 2.61 -12.42 -5.20
CA CYS D 316 2.72 -13.59 -4.33
C CYS D 316 1.34 -14.11 -3.98
N LEU D 317 1.28 -15.40 -3.66
CA LEU D 317 0.03 -16.09 -3.43
C LEU D 317 0.29 -17.44 -2.77
N GLY D 318 -0.37 -17.71 -1.65
CA GLY D 318 -0.10 -18.94 -0.92
C GLY D 318 -1.28 -19.33 -0.06
N VAL D 319 -1.50 -20.63 0.07
CA VAL D 319 -2.59 -21.19 0.84
C VAL D 319 -2.05 -21.71 2.17
N THR D 320 -2.85 -21.59 3.21
CA THR D 320 -2.45 -22.04 4.53
C THR D 320 -2.26 -23.56 4.55
N ASP D 321 -1.52 -24.03 5.56
CA ASP D 321 -1.46 -25.46 5.81
C ASP D 321 -2.82 -25.98 6.28
N ASP D 322 -3.58 -25.16 7.01
CA ASP D 322 -4.91 -25.56 7.42
C ASP D 322 -5.89 -25.56 6.25
N GLY D 323 -5.63 -24.75 5.22
CA GLY D 323 -6.50 -24.67 4.07
C GLY D 323 -7.68 -23.73 4.23
N MET D 324 -7.79 -23.03 5.35
CA MET D 324 -8.93 -22.17 5.62
C MET D 324 -8.69 -20.72 5.23
N ALA D 325 -7.53 -20.40 4.64
CA ALA D 325 -7.25 -19.02 4.25
C ALA D 325 -6.38 -19.03 3.00
N VAL D 326 -6.41 -17.91 2.29
CA VAL D 326 -5.62 -17.74 1.07
C VAL D 326 -5.13 -16.30 1.03
N ALA D 327 -3.88 -16.08 1.43
CA ALA D 327 -3.33 -14.74 1.36
C ALA D 327 -2.91 -14.43 -0.08
N THR D 328 -2.82 -13.13 -0.36
CA THR D 328 -2.45 -12.67 -1.69
C THR D 328 -1.80 -11.31 -1.54
N GLY D 329 -0.56 -11.18 -2.01
CA GLY D 329 0.10 -9.89 -2.04
C GLY D 329 0.22 -9.41 -3.47
N SER D 330 0.43 -8.11 -3.64
CA SER D 330 0.52 -7.55 -4.99
C SER D 330 1.33 -6.27 -4.90
N TRP D 331 1.63 -5.71 -6.07
CA TRP D 331 2.37 -4.47 -6.14
C TRP D 331 1.56 -3.29 -5.63
N ASP D 332 0.26 -3.49 -5.38
CA ASP D 332 -0.57 -2.46 -4.76
C ASP D 332 -0.08 -2.16 -3.34
N SER D 333 0.66 -3.09 -2.73
CA SER D 333 1.26 -2.92 -1.40
C SER D 333 0.30 -3.29 -0.28
N PHE D 334 -0.72 -4.10 -0.57
CA PHE D 334 -1.61 -4.64 0.43
C PHE D 334 -1.73 -6.14 0.25
N LEU D 335 -1.69 -6.87 1.36
CA LEU D 335 -2.03 -8.28 1.35
C LEU D 335 -3.50 -8.45 1.69
N LYS D 336 -4.09 -9.52 1.19
CA LYS D 336 -5.52 -9.78 1.36
C LYS D 336 -5.70 -11.24 1.74
N ILE D 337 -6.40 -11.48 2.84
CA ILE D 337 -6.75 -12.83 3.25
C ILE D 337 -8.11 -13.14 2.65
N TRP D 338 -8.17 -14.21 1.86
CA TRP D 338 -9.37 -14.58 1.13
C TRP D 338 -9.91 -15.88 1.69
N ASN D 339 -11.21 -15.90 2.01
CA ASN D 339 -11.86 -17.11 2.48
C ASN D 339 -13.24 -17.26 1.83
N ASP E 1 22.90 -13.45 31.34
CA ASP E 1 22.38 -12.92 30.04
C ASP E 1 21.47 -11.70 30.28
N VAL E 2 20.18 -11.94 30.48
CA VAL E 2 19.23 -10.87 30.75
C VAL E 2 19.35 -10.49 32.22
N GLN E 3 19.39 -9.18 32.48
CA GLN E 3 19.63 -8.67 33.83
C GLN E 3 18.62 -7.57 34.15
N LEU E 4 18.12 -7.60 35.39
CA LEU E 4 17.27 -6.54 35.92
C LEU E 4 17.72 -6.30 37.36
N VAL E 5 18.32 -5.14 37.61
CA VAL E 5 18.88 -4.80 38.92
C VAL E 5 18.08 -3.65 39.51
N GLU E 6 17.79 -3.73 40.80
CA GLU E 6 16.96 -2.77 41.50
C GLU E 6 17.65 -2.31 42.77
N SER E 7 17.25 -1.13 43.24
CA SER E 7 17.77 -0.59 44.48
C SER E 7 16.74 0.32 45.15
N LEU E 20 12.05 3.89 44.25
CA LEU E 20 12.65 2.69 43.67
C LEU E 20 13.00 2.91 42.20
N SER E 21 14.04 2.20 41.75
CA SER E 21 14.45 2.22 40.35
C SER E 21 14.88 0.82 39.94
N CYS E 22 14.71 0.52 38.65
CA CYS E 22 15.07 -0.76 38.08
C CYS E 22 15.91 -0.51 36.84
N SER E 23 17.08 -1.14 36.78
CA SER E 23 18.01 -0.98 35.67
C SER E 23 17.94 -2.20 34.77
N ALA E 24 17.78 -1.98 33.48
CA ALA E 24 17.61 -3.05 32.51
C ALA E 24 18.83 -3.13 31.60
N SER E 25 19.28 -4.35 31.35
CA SER E 25 20.40 -4.59 30.45
C SER E 25 20.25 -5.99 29.85
N GLY E 26 20.82 -6.17 28.67
CA GLY E 26 20.80 -7.46 28.03
C GLY E 26 19.51 -7.81 27.31
N PHE E 27 18.62 -6.85 27.10
CA PHE E 27 17.41 -7.11 26.34
C PHE E 27 16.85 -5.78 25.85
N ALA E 28 15.97 -5.86 24.84
CA ALA E 28 15.37 -4.68 24.23
C ALA E 28 14.32 -4.11 25.17
N PHE E 29 14.79 -3.28 26.10
CA PHE E 29 13.92 -2.76 27.15
C PHE E 29 12.74 -2.00 26.57
N SER E 30 12.98 -1.22 25.50
CA SER E 30 11.91 -0.40 24.95
C SER E 30 10.76 -1.25 24.42
N SER E 31 11.03 -2.48 24.04
CA SER E 31 10.02 -3.36 23.46
C SER E 31 9.26 -4.17 24.48
N PHE E 32 9.58 -4.04 25.77
CA PHE E 32 8.94 -4.80 26.84
C PHE E 32 8.11 -3.87 27.71
N GLY E 33 6.85 -4.25 27.93
CA GLY E 33 6.09 -3.63 29.00
C GLY E 33 6.56 -4.17 30.35
N MET E 34 6.58 -3.29 31.35
CA MET E 34 7.19 -3.61 32.63
C MET E 34 6.13 -3.60 33.73
N HIS E 35 6.38 -4.42 34.75
CA HIS E 35 5.52 -4.52 35.91
C HIS E 35 6.33 -4.26 37.17
N TRP E 36 5.61 -3.97 38.25
CA TRP E 36 6.16 -4.00 39.60
C TRP E 36 5.32 -4.96 40.42
N VAL E 37 5.99 -5.91 41.07
CA VAL E 37 5.34 -6.89 41.94
C VAL E 37 6.05 -6.86 43.28
N ARG E 38 5.28 -6.72 44.36
CA ARG E 38 5.85 -6.62 45.70
C ARG E 38 5.41 -7.81 46.56
N GLN E 39 6.20 -8.05 47.59
CA GLN E 39 6.02 -9.21 48.47
C GLN E 39 6.33 -8.80 49.90
N ALA E 40 5.30 -8.75 50.74
CA ALA E 40 5.48 -8.53 52.17
C ALA E 40 6.38 -9.63 52.71
N PRO E 41 6.91 -9.50 53.94
CA PRO E 41 7.86 -10.50 54.44
C PRO E 41 7.38 -11.93 54.27
N GLU E 42 6.12 -12.22 54.57
CA GLU E 42 5.48 -13.44 54.09
C GLU E 42 3.98 -13.15 53.94
N LYS E 43 3.59 -12.68 52.76
CA LYS E 43 2.16 -12.55 52.45
C LYS E 43 1.85 -12.84 50.99
N GLY E 44 2.75 -13.48 50.24
CA GLY E 44 2.52 -13.73 48.84
C GLY E 44 3.05 -12.65 47.92
N LEU E 45 2.31 -12.37 46.85
CA LEU E 45 2.72 -11.41 45.83
C LEU E 45 1.57 -10.48 45.51
N GLU E 46 1.89 -9.30 44.98
CA GLU E 46 0.88 -8.31 44.63
C GLU E 46 1.39 -7.44 43.50
N TRP E 47 0.59 -7.33 42.44
CA TRP E 47 0.97 -6.57 41.24
C TRP E 47 0.84 -5.09 41.54
N VAL E 48 1.98 -4.44 41.81
CA VAL E 48 1.95 -3.03 42.20
C VAL E 48 1.41 -2.17 41.07
N ALA E 49 1.92 -2.36 39.86
CA ALA E 49 1.60 -1.47 38.75
C ALA E 49 1.90 -2.18 37.44
N TYR E 50 1.75 -1.45 36.34
CA TYR E 50 2.07 -1.95 35.01
C TYR E 50 2.25 -0.76 34.07
N ILE E 51 3.24 -0.86 33.19
CA ILE E 51 3.45 0.11 32.12
C ILE E 51 3.73 -0.65 30.83
N SER E 52 3.12 -0.19 29.74
CA SER E 52 3.24 -0.85 28.45
C SER E 52 4.39 -0.27 27.65
N SER E 53 4.72 -0.93 26.54
CA SER E 53 5.74 -0.43 25.65
C SER E 53 5.36 0.95 25.12
N GLY E 54 6.32 1.88 25.18
CA GLY E 54 6.06 3.25 24.80
C GLY E 54 5.32 4.06 25.83
N SER E 55 5.11 3.53 27.03
CA SER E 55 4.40 4.23 28.10
C SER E 55 2.99 4.61 27.68
N GLY E 56 2.42 3.84 26.75
CA GLY E 56 1.08 4.16 26.25
C GLY E 56 0.01 4.02 27.31
N THR E 57 0.04 2.92 28.07
CA THR E 57 -0.97 2.63 29.08
C THR E 57 -0.29 2.34 30.41
N ILE E 58 -0.93 2.76 31.49
CA ILE E 58 -0.42 2.56 32.85
C ILE E 58 -1.57 2.07 33.71
N TYR E 59 -1.29 1.07 34.54
CA TYR E 59 -2.25 0.54 35.49
C TYR E 59 -1.62 0.51 36.88
N TYR E 60 -2.49 0.51 37.90
CA TYR E 60 -2.04 0.44 39.28
C TYR E 60 -2.95 -0.51 40.04
N ALA E 61 -2.44 -0.99 41.18
CA ALA E 61 -3.26 -1.78 42.08
C ALA E 61 -4.25 -0.87 42.81
N ASP E 62 -5.35 -1.46 43.25
CA ASP E 62 -6.34 -0.69 44.00
C ASP E 62 -5.74 -0.13 45.29
N THR E 63 -4.73 -0.81 45.84
CA THR E 63 -4.12 -0.38 47.09
C THR E 63 -3.18 0.81 46.92
N VAL E 64 -2.72 1.08 45.69
CA VAL E 64 -1.76 2.15 45.46
C VAL E 64 -2.27 3.05 44.33
N LYS E 65 -3.48 2.80 43.85
CA LYS E 65 -4.00 3.58 42.74
C LYS E 65 -4.01 5.06 43.10
N GLY E 66 -3.28 5.86 42.32
CA GLY E 66 -3.19 7.29 42.56
C GLY E 66 -2.14 7.66 43.58
N ARG E 67 -1.85 6.75 44.51
CA ARG E 67 -0.84 7.03 45.54
C ARG E 67 0.57 6.76 45.03
N PHE E 68 0.76 5.67 44.31
CA PHE E 68 2.01 5.37 43.64
C PHE E 68 1.95 5.84 42.19
N THR E 69 3.14 6.07 41.62
CA THR E 69 3.26 6.44 40.22
C THR E 69 4.38 5.62 39.58
N ILE E 70 4.13 5.13 38.37
CA ILE E 70 5.10 4.34 37.62
C ILE E 70 5.49 5.11 36.38
N SER E 71 6.79 5.30 36.19
CA SER E 71 7.33 6.01 35.04
C SER E 71 8.47 5.20 34.44
N ARG E 72 8.67 5.37 33.13
CA ARG E 72 9.65 4.60 32.39
C ARG E 72 10.27 5.49 31.31
N ASP E 73 11.58 5.38 31.14
CA ASP E 73 12.32 6.16 30.17
C ASP E 73 13.22 5.24 29.37
N ASP E 74 12.84 5.00 28.12
CA ASP E 74 13.52 4.00 27.30
C ASP E 74 15.01 4.28 27.09
N PRO E 75 15.44 5.50 26.76
CA PRO E 75 16.83 5.68 26.31
C PRO E 75 17.89 5.14 27.26
N LYS E 76 17.69 5.29 28.57
CA LYS E 76 18.65 4.76 29.54
C LYS E 76 18.24 3.40 30.10
N ASN E 77 17.17 2.81 29.58
CA ASN E 77 16.75 1.46 29.97
C ASN E 77 16.60 1.35 31.49
N THR E 78 15.82 2.26 32.06
CA THR E 78 15.60 2.30 33.49
C THR E 78 14.11 2.47 33.77
N LEU E 79 13.63 1.80 34.81
CA LEU E 79 12.23 1.87 35.23
C LEU E 79 12.18 2.43 36.65
N PHE E 80 11.15 3.22 36.93
CA PHE E 80 11.04 3.97 38.17
C PHE E 80 9.71 3.66 38.85
N LEU E 81 9.70 3.88 40.17
CA LEU E 81 8.48 3.84 40.95
C LEU E 81 8.63 4.83 42.10
N GLN E 82 7.62 5.68 42.30
CA GLN E 82 7.67 6.71 43.33
C GLN E 82 6.43 6.62 44.20
N MET E 83 6.60 6.94 45.47
CA MET E 83 5.54 6.85 46.46
C MET E 83 5.16 8.26 46.92
N THR E 84 3.87 8.57 46.85
CA THR E 84 3.40 9.87 47.31
C THR E 84 3.42 9.96 48.83
N SER E 85 2.94 8.92 49.51
CA SER E 85 2.88 8.90 50.97
C SER E 85 3.02 7.47 51.44
N LEU E 86 4.11 7.18 52.15
CA LEU E 86 4.38 5.82 52.59
C LEU E 86 3.50 5.47 53.79
N ARG E 87 3.16 4.18 53.89
CA ARG E 87 2.37 3.66 54.99
C ARG E 87 3.00 2.36 55.48
N SER E 88 2.58 1.92 56.66
CA SER E 88 3.08 0.67 57.21
C SER E 88 2.67 -0.54 56.38
N GLU E 89 1.68 -0.38 55.50
CA GLU E 89 1.25 -1.48 54.64
C GLU E 89 2.21 -1.73 53.49
N ASP E 90 3.11 -0.79 53.18
CA ASP E 90 3.93 -0.86 51.99
C ASP E 90 5.29 -1.51 52.22
N THR E 91 5.64 -1.82 53.47
CA THR E 91 6.91 -2.49 53.73
C THR E 91 6.88 -3.88 53.11
N ALA E 92 7.68 -4.08 52.06
CA ALA E 92 7.64 -5.32 51.30
C ALA E 92 8.84 -5.37 50.38
N MET E 93 9.09 -6.56 49.83
CA MET E 93 10.11 -6.75 48.81
C MET E 93 9.52 -6.41 47.45
N TYR E 94 10.12 -5.48 46.74
CA TYR E 94 9.62 -4.99 45.46
C TYR E 94 10.43 -5.61 44.33
N TYR E 95 9.74 -6.12 43.32
CA TYR E 95 10.36 -6.84 42.21
C TYR E 95 10.13 -6.10 40.89
N CYS E 96 11.15 -6.13 40.03
CA CYS E 96 11.08 -5.60 38.68
C CYS E 96 10.88 -6.76 37.72
N VAL E 97 9.77 -6.73 36.98
CA VAL E 97 9.39 -7.82 36.10
C VAL E 97 9.11 -7.24 34.71
N ARG E 98 9.63 -7.92 33.69
CA ARG E 98 9.43 -7.54 32.29
C ARG E 98 8.31 -8.38 31.68
N SER E 99 7.71 -7.85 30.63
CA SER E 99 6.66 -8.55 29.92
C SER E 99 6.49 -7.96 28.54
N ILE E 100 6.36 -8.82 27.53
CA ILE E 100 6.16 -8.41 26.15
C ILE E 100 4.96 -9.16 25.62
N TYR E 101 4.09 -8.45 24.90
CA TYR E 101 2.80 -8.98 24.49
C TYR E 101 2.72 -8.95 22.96
N TYR E 102 2.86 -10.12 22.35
CA TYR E 102 2.49 -10.33 20.97
C TYR E 102 1.99 -11.77 20.88
N TYR E 103 1.60 -12.17 19.67
CA TYR E 103 0.81 -13.38 19.50
C TYR E 103 1.27 -14.54 20.40
N GLY E 104 2.49 -15.01 20.19
CA GLY E 104 2.99 -16.16 20.93
C GLY E 104 3.95 -15.84 22.05
N SER E 105 4.01 -14.58 22.48
CA SER E 105 4.97 -14.20 23.49
C SER E 105 4.61 -14.80 24.85
N SER E 106 5.61 -14.81 25.74
CA SER E 106 5.42 -15.27 27.11
C SER E 106 5.61 -14.10 28.06
N PRO E 107 4.54 -13.47 28.54
CA PRO E 107 4.71 -12.37 29.48
C PRO E 107 5.29 -12.85 30.80
N PHE E 108 5.72 -11.89 31.61
CA PHE E 108 6.27 -12.17 32.94
C PHE E 108 7.44 -13.15 32.85
N ASP E 109 8.35 -12.89 31.91
CA ASP E 109 9.42 -13.85 31.65
C ASP E 109 10.55 -13.75 32.66
N PHE E 110 10.95 -12.55 33.04
CA PHE E 110 12.16 -12.35 33.82
C PHE E 110 11.88 -11.41 34.99
N TRP E 111 12.39 -11.78 36.15
CA TRP E 111 12.19 -11.03 37.39
C TRP E 111 13.53 -10.54 37.91
N GLY E 112 13.52 -9.36 38.52
CA GLY E 112 14.71 -8.82 39.14
C GLY E 112 15.02 -9.48 40.47
N GLN E 113 16.16 -9.12 41.04
CA GLN E 113 16.57 -9.69 42.32
C GLN E 113 15.72 -9.18 43.48
N GLY E 114 15.06 -8.04 43.31
CA GLY E 114 14.17 -7.52 44.33
C GLY E 114 14.84 -6.46 45.20
N THR E 115 14.03 -5.53 45.70
CA THR E 115 14.48 -4.49 46.61
C THR E 115 13.66 -4.56 47.89
N THR E 116 14.34 -4.59 49.03
CA THR E 116 13.68 -4.67 50.33
C THR E 116 13.10 -3.32 50.70
N ASP E 137 -12.93 -7.66 39.53
CA ASP E 137 -11.77 -8.15 40.26
C ASP E 137 -11.88 -9.65 40.50
N ILE E 138 -10.79 -10.36 40.27
CA ILE E 138 -10.74 -11.81 40.39
C ILE E 138 -9.93 -12.17 41.63
N VAL E 139 -10.49 -13.03 42.47
CA VAL E 139 -9.83 -13.50 43.67
C VAL E 139 -9.37 -14.93 43.43
N MET E 140 -8.12 -15.22 43.77
CA MET E 140 -7.54 -16.55 43.61
C MET E 140 -6.99 -17.03 44.94
N THR E 141 -7.24 -18.30 45.25
CA THR E 141 -6.86 -18.90 46.52
C THR E 141 -6.23 -20.25 46.26
N GLN E 142 -5.44 -20.71 47.24
CA GLN E 142 -4.79 -22.01 47.19
C GLN E 142 -5.24 -22.82 48.40
N ALA E 143 -5.70 -24.04 48.15
CA ALA E 143 -6.20 -24.91 49.22
C ALA E 143 -5.09 -25.55 50.04
N THR E 144 -3.83 -25.41 49.61
CA THR E 144 -2.70 -26.01 50.29
C THR E 144 -1.74 -24.93 50.73
N SER E 145 -1.25 -25.05 51.96
CA SER E 145 -0.25 -24.12 52.47
C SER E 145 1.17 -24.65 52.26
N SER E 146 1.44 -25.87 52.70
CA SER E 146 2.76 -26.46 52.53
C SER E 146 2.64 -27.98 52.55
N VAL E 147 3.49 -28.63 51.77
CA VAL E 147 3.56 -30.08 51.73
C VAL E 147 5.02 -30.52 51.72
N PRO E 148 5.31 -31.70 52.25
CA PRO E 148 6.64 -32.26 52.09
C PRO E 148 6.79 -32.98 50.76
N VAL E 149 7.98 -32.85 50.15
CA VAL E 149 8.27 -33.46 48.87
C VAL E 149 9.62 -34.18 48.95
N THR E 150 9.75 -35.21 48.13
CA THR E 150 10.99 -35.98 48.03
C THR E 150 11.33 -36.19 46.57
N PRO E 151 12.62 -36.34 46.24
CA PRO E 151 13.00 -36.54 44.84
C PRO E 151 12.39 -37.81 44.27
N GLY E 152 12.08 -37.78 42.97
CA GLY E 152 11.48 -38.90 42.30
C GLY E 152 9.96 -38.95 42.38
N GLU E 153 9.33 -38.00 43.06
CA GLU E 153 7.88 -37.99 43.19
C GLU E 153 7.24 -37.29 41.99
N SER E 154 5.92 -37.22 41.99
CA SER E 154 5.13 -36.59 40.94
C SER E 154 4.15 -35.61 41.54
N VAL E 155 4.63 -34.75 42.44
CA VAL E 155 3.76 -33.83 43.14
C VAL E 155 3.03 -32.93 42.16
N SER E 156 1.82 -32.53 42.53
CA SER E 156 1.00 -31.63 41.73
C SER E 156 0.53 -30.47 42.60
N ILE E 157 0.44 -29.29 41.99
CA ILE E 157 0.01 -28.08 42.68
C ILE E 157 -1.34 -27.67 42.14
N SER E 158 -2.11 -26.96 42.96
CA SER E 158 -3.49 -26.59 42.62
C SER E 158 -3.71 -25.12 42.92
N CYS E 159 -4.68 -24.55 42.22
CA CYS E 159 -5.09 -23.16 42.43
C CYS E 159 -6.56 -23.01 42.08
N ARG E 160 -7.16 -21.94 42.59
CA ARG E 160 -8.56 -21.65 42.37
C ARG E 160 -8.71 -20.19 41.96
N SER E 161 -9.80 -19.90 41.26
CA SER E 161 -10.09 -18.55 40.80
C SER E 161 -11.58 -18.27 40.93
N SER E 162 -11.92 -16.99 40.96
CA SER E 162 -13.30 -16.54 41.09
C SER E 162 -13.97 -16.29 39.75
N LYS E 163 -13.28 -16.55 38.64
CA LYS E 163 -13.84 -16.35 37.31
C LYS E 163 -13.17 -17.32 36.35
N SER E 164 -13.83 -17.52 35.20
CA SER E 164 -13.31 -18.43 34.19
C SER E 164 -12.21 -17.71 33.41
N LEU E 165 -10.98 -18.20 33.52
CA LEU E 165 -9.87 -17.60 32.80
C LEU E 165 -9.88 -17.93 31.31
N LEU E 166 -10.61 -18.97 30.91
CA LEU E 166 -10.69 -19.35 29.50
C LEU E 166 -11.43 -18.26 28.72
N HIS E 167 -10.70 -17.54 27.88
CA HIS E 167 -11.27 -16.47 27.08
C HIS E 167 -11.80 -17.03 25.77
N SER E 168 -12.62 -16.22 25.08
CA SER E 168 -13.16 -16.65 23.80
C SER E 168 -12.07 -16.90 22.77
N ASN E 169 -10.87 -16.38 22.99
CA ASN E 169 -9.74 -16.66 22.12
C ASN E 169 -9.35 -18.13 22.13
N GLY E 170 -9.74 -18.87 23.18
CA GLY E 170 -9.20 -20.18 23.44
C GLY E 170 -8.02 -20.17 24.39
N ASN E 171 -7.52 -18.99 24.76
CA ASN E 171 -6.43 -18.88 25.70
C ASN E 171 -6.96 -18.87 27.14
N THR E 172 -6.12 -19.29 28.08
CA THR E 172 -6.45 -19.28 29.49
C THR E 172 -5.32 -18.56 30.22
N TYR E 173 -5.60 -17.34 30.67
CA TYR E 173 -4.54 -16.42 31.13
C TYR E 173 -4.12 -16.75 32.56
N LEU E 174 -3.60 -17.96 32.74
CA LEU E 174 -3.03 -18.39 34.02
C LEU E 174 -1.51 -18.49 33.90
N TYR E 175 -0.82 -18.12 34.98
CA TYR E 175 0.63 -18.12 35.02
C TYR E 175 1.09 -18.83 36.28
N TRP E 176 2.32 -19.36 36.22
CA TRP E 176 2.92 -20.07 37.34
C TRP E 176 4.32 -19.53 37.58
N PHE E 177 4.66 -19.36 38.86
CA PHE E 177 5.97 -18.87 39.25
C PHE E 177 6.50 -19.71 40.41
N LEU E 178 7.82 -19.88 40.44
CA LEU E 178 8.50 -20.63 41.49
C LEU E 178 9.50 -19.69 42.16
N GLN E 179 9.33 -19.49 43.46
CA GLN E 179 10.21 -18.63 44.24
C GLN E 179 10.99 -19.51 45.22
N ARG E 180 12.17 -19.94 44.79
CA ARG E 180 13.04 -20.71 45.66
C ARG E 180 13.56 -19.81 46.78
N PRO E 181 13.91 -20.39 47.94
CA PRO E 181 14.37 -19.57 49.05
C PRO E 181 15.56 -18.70 48.64
N GLY E 182 15.48 -17.42 49.00
CA GLY E 182 16.56 -16.49 48.67
C GLY E 182 16.66 -16.12 47.21
N GLN E 183 15.68 -16.49 46.40
CA GLN E 183 15.72 -16.25 44.96
C GLN E 183 14.42 -15.60 44.50
N SER E 184 14.51 -14.83 43.42
CA SER E 184 13.34 -14.20 42.85
C SER E 184 12.46 -15.24 42.15
N PRO E 185 11.16 -14.96 42.02
CA PRO E 185 10.30 -15.89 41.29
C PRO E 185 10.74 -16.00 39.84
N GLN E 186 10.52 -17.18 39.27
CA GLN E 186 10.86 -17.43 37.88
C GLN E 186 9.65 -18.04 37.19
N LEU E 187 9.42 -17.63 35.95
CA LEU E 187 8.26 -18.11 35.20
C LEU E 187 8.44 -19.59 34.85
N LEU E 188 7.41 -20.38 35.11
CA LEU E 188 7.38 -21.78 34.74
C LEU E 188 6.39 -22.05 33.62
N ILE E 189 5.16 -21.56 33.75
CA ILE E 189 4.11 -21.79 32.78
C ILE E 189 3.42 -20.46 32.51
N TYR E 190 3.15 -20.17 31.24
CA TYR E 190 2.38 -19.01 30.84
C TYR E 190 1.16 -19.47 30.06
N ARG E 191 0.02 -18.82 30.33
CA ARG E 191 -1.26 -19.22 29.77
C ARG E 191 -1.59 -20.67 30.09
N MET E 192 -1.18 -21.12 31.28
CA MET E 192 -1.67 -22.33 31.94
C MET E 192 -1.19 -23.64 31.30
N SER E 193 -0.59 -23.57 30.12
CA SER E 193 -0.16 -24.80 29.44
C SER E 193 1.18 -24.69 28.74
N ASN E 194 1.70 -23.50 28.48
CA ASN E 194 2.89 -23.34 27.65
C ASN E 194 4.12 -23.30 28.53
N LEU E 195 5.07 -24.19 28.26
CA LEU E 195 6.28 -24.29 29.06
C LEU E 195 7.22 -23.14 28.73
N ALA E 196 7.68 -22.44 29.76
CA ALA E 196 8.54 -21.29 29.55
C ALA E 196 9.92 -21.74 29.07
N SER E 197 10.63 -20.82 28.43
CA SER E 197 11.97 -21.13 27.93
C SER E 197 12.95 -21.26 29.09
N GLY E 198 13.88 -22.19 28.95
CA GLY E 198 14.89 -22.40 29.96
C GLY E 198 14.42 -23.16 31.18
N VAL E 199 13.18 -23.66 31.16
CA VAL E 199 12.63 -24.42 32.27
C VAL E 199 12.58 -25.89 31.85
N PRO E 200 12.98 -26.83 32.69
CA PRO E 200 13.00 -28.23 32.28
C PRO E 200 11.60 -28.74 31.96
N ASP E 201 11.57 -29.90 31.30
CA ASP E 201 10.32 -30.52 30.88
C ASP E 201 9.50 -31.00 32.08
N ARG E 202 10.11 -31.07 33.27
CA ARG E 202 9.42 -31.61 34.43
C ARG E 202 8.08 -30.91 34.68
N PHE E 203 8.08 -29.58 34.63
CA PHE E 203 6.90 -28.81 34.94
C PHE E 203 5.91 -28.85 33.77
N SER E 204 4.63 -28.97 34.10
CA SER E 204 3.58 -29.03 33.09
C SER E 204 2.29 -28.53 33.72
N GLY E 205 1.87 -27.32 33.34
CA GLY E 205 0.61 -26.79 33.83
C GLY E 205 -0.59 -27.34 33.08
N SER E 206 -1.74 -27.29 33.75
CA SER E 206 -2.97 -27.79 33.16
C SER E 206 -4.15 -27.18 33.90
N GLY E 207 -5.32 -27.32 33.32
CA GLY E 207 -6.54 -26.78 33.91
C GLY E 207 -7.58 -26.54 32.85
N SER E 208 -8.72 -26.02 33.30
CA SER E 208 -9.80 -25.68 32.39
C SER E 208 -10.75 -24.71 33.10
N GLY E 209 -10.81 -23.48 32.62
CA GLY E 209 -11.80 -22.52 33.08
C GLY E 209 -11.49 -21.91 34.42
N THR E 210 -11.67 -22.69 35.49
CA THR E 210 -11.55 -22.16 36.85
C THR E 210 -10.64 -23.04 37.71
N ALA E 211 -10.57 -24.33 37.39
CA ALA E 211 -9.75 -25.28 38.13
C ALA E 211 -8.46 -25.51 37.38
N PHE E 212 -7.33 -25.41 38.09
CA PHE E 212 -6.02 -25.45 37.46
C PHE E 212 -5.09 -26.36 38.27
N THR E 213 -4.06 -26.86 37.60
CA THR E 213 -3.11 -27.76 38.20
C THR E 213 -1.74 -27.53 37.59
N LEU E 214 -0.70 -27.89 38.35
CA LEU E 214 0.68 -27.80 37.88
C LEU E 214 1.39 -29.09 38.28
N THR E 215 1.75 -29.89 37.29
CA THR E 215 2.38 -31.19 37.53
C THR E 215 3.89 -31.06 37.49
N ILE E 216 4.55 -31.73 38.43
CA ILE E 216 6.01 -31.74 38.52
C ILE E 216 6.43 -33.21 38.52
N SER E 217 6.70 -33.75 37.34
CA SER E 217 7.15 -35.12 37.21
C SER E 217 8.65 -35.22 37.50
N ARG E 218 9.04 -36.28 38.20
CA ARG E 218 10.43 -36.51 38.57
C ARG E 218 10.96 -35.34 39.40
N LEU E 219 10.35 -35.16 40.57
CA LEU E 219 10.74 -34.08 41.47
C LEU E 219 12.23 -34.17 41.78
N GLU E 220 12.90 -33.02 41.75
CA GLU E 220 14.34 -32.95 41.98
C GLU E 220 14.64 -31.95 43.09
N ALA E 221 15.92 -31.90 43.48
CA ALA E 221 16.32 -31.15 44.66
C ALA E 221 16.06 -29.65 44.48
N GLU E 222 16.22 -29.13 43.27
CA GLU E 222 16.09 -27.70 43.02
C GLU E 222 14.65 -27.24 42.90
N ASP E 223 13.68 -28.15 42.99
CA ASP E 223 12.27 -27.80 42.82
C ASP E 223 11.62 -27.34 44.12
N VAL E 224 12.35 -27.31 45.23
CA VAL E 224 11.78 -26.90 46.51
C VAL E 224 11.64 -25.38 46.52
N GLY E 225 10.43 -24.91 46.82
CA GLY E 225 10.17 -23.49 46.87
C GLY E 225 8.68 -23.23 47.00
N VAL E 226 8.32 -21.96 46.93
CA VAL E 226 6.93 -21.52 47.01
C VAL E 226 6.41 -21.32 45.60
N TYR E 227 5.24 -21.87 45.30
CA TYR E 227 4.64 -21.81 43.97
C TYR E 227 3.48 -20.82 44.00
N TYR E 228 3.50 -19.87 43.07
CA TYR E 228 2.46 -18.86 42.94
C TYR E 228 1.77 -18.98 41.60
N CYS E 229 0.45 -18.84 41.60
CA CYS E 229 -0.33 -18.76 40.38
C CYS E 229 -0.85 -17.35 40.20
N MET E 230 -1.06 -16.95 38.95
CA MET E 230 -1.45 -15.60 38.60
C MET E 230 -2.47 -15.63 37.47
N GLN E 231 -3.23 -14.55 37.38
CA GLN E 231 -4.18 -14.34 36.29
C GLN E 231 -3.82 -13.07 35.55
N HIS E 232 -4.19 -13.01 34.26
CA HIS E 232 -3.90 -11.85 33.42
C HIS E 232 -5.12 -11.42 32.61
N LEU E 233 -6.31 -11.91 32.97
CA LEU E 233 -7.51 -11.50 32.23
C LEU E 233 -7.80 -10.03 32.42
N GLU E 234 -7.74 -9.55 33.67
CA GLU E 234 -8.12 -8.20 33.99
C GLU E 234 -7.20 -7.68 35.09
N TYR E 235 -7.06 -6.39 35.14
CA TYR E 235 -6.23 -5.78 36.17
C TYR E 235 -7.08 -5.43 37.38
N PRO E 236 -6.50 -5.45 38.59
CA PRO E 236 -5.10 -5.74 38.92
C PRO E 236 -4.76 -7.22 38.77
N LEU E 237 -3.48 -7.55 38.61
CA LEU E 237 -3.04 -8.93 38.42
C LEU E 237 -2.94 -9.58 39.78
N THR E 238 -4.03 -10.19 40.23
CA THR E 238 -4.10 -10.78 41.56
C THR E 238 -3.32 -12.09 41.60
N PHE E 239 -2.52 -12.26 42.65
CA PHE E 239 -1.71 -13.44 42.87
C PHE E 239 -2.42 -14.41 43.82
N GLY E 240 -1.93 -15.65 43.84
CA GLY E 240 -2.39 -16.63 44.80
C GLY E 240 -1.68 -16.49 46.13
N ALA E 241 -2.11 -17.33 47.08
CA ALA E 241 -1.54 -17.27 48.42
C ALA E 241 -0.09 -17.73 48.42
N GLY E 242 0.20 -18.87 47.79
CA GLY E 242 1.54 -19.40 47.75
C GLY E 242 1.68 -20.72 48.48
N THR E 243 2.05 -21.77 47.74
CA THR E 243 2.21 -23.11 48.31
C THR E 243 3.70 -23.37 48.53
N LYS E 244 4.09 -23.56 49.79
CA LYS E 244 5.50 -23.73 50.16
C LYS E 244 5.81 -25.22 50.18
N LEU E 245 6.55 -25.68 49.18
CA LEU E 245 7.04 -27.06 49.18
C LEU E 245 8.28 -27.18 50.05
N GLU E 246 8.36 -28.28 50.79
CA GLU E 246 9.50 -28.53 51.68
C GLU E 246 10.19 -29.85 51.32
C4 A1BF3 F . -47.76 40.26 -7.92
C5 A1BF3 F . -37.90 37.15 -9.19
C6 A1BF3 F . -36.84 36.60 -8.44
C7 A1BF3 F . -48.44 41.59 -6.01
C8 A1BF3 F . -47.56 41.34 -7.07
C10 A1BF3 F . -48.01 42.77 -5.29
C13 A1BF3 F . -43.06 43.34 -9.07
C15 A1BF3 F . -40.32 39.43 -16.26
C17 A1BF3 F . -39.44 40.34 -15.40
C20 A1BF3 F . -46.48 43.24 -8.38
C21 A1BF3 F . -45.09 41.76 -6.81
C22 A1BF3 F . -45.29 44.21 -8.46
C24 A1BF3 F . -40.44 39.32 -13.30
C26 A1BF3 F . -40.26 45.54 -7.38
C28 A1BF3 F . -41.21 39.66 -12.06
C1 A1BF3 F . -49.73 39.68 -6.62
C11 A1BF3 F . -46.89 43.24 -5.88
C12 A1BF3 F . -38.29 39.59 -9.83
C14 A1BF3 F . -41.14 40.54 -9.82
C16 A1BF3 F . -40.65 38.14 -15.54
C18 A1BF3 F . -41.29 38.39 -14.18
C19 A1BF3 F . -40.09 40.61 -14.04
C2 A1BF3 F . -48.85 39.43 -7.69
C23 A1BF3 F . -43.98 42.80 -6.87
C25 A1BF3 F . -46.47 42.40 -7.08
C27 A1BF3 F . -39.62 42.76 -8.15
C29 A1BF3 F . -41.17 44.68 -8.22
C3 A1BF3 F . -49.53 40.77 -5.77
C30 A1BF3 F . -42.03 42.41 -8.55
C31 A1BF3 F . -40.29 40.22 -11.01
C32 A1BF3 F . -41.02 43.24 -7.81
C9 A1BF3 F . -37.60 38.48 -9.23
N33 A1BF3 F . -35.95 37.54 -8.06
N34 A1BF3 F . -44.03 43.57 -8.12
N35 A1BF3 F . -39.41 39.21 -10.51
N36 A1BF3 F . -41.43 41.87 -9.75
O37 A1BF3 F . -37.89 40.74 -9.74
O38 A1BF3 F . -43.02 43.85 -10.18
O39 A1BF3 F . -41.50 39.68 -9.02
O40 A1BF3 F . -36.45 38.73 -8.56
#